data_1D41
# 
_entry.id   1D41 
# 
_audit_conform.dict_name       mmcif_pdbx.dic 
_audit_conform.dict_version    5.389 
_audit_conform.dict_location   http://mmcif.pdb.org/dictionaries/ascii/mmcif_pdbx.dic 
# 
loop_
_database_2.database_id 
_database_2.database_code 
_database_2.pdbx_database_accession 
_database_2.pdbx_DOI 
PDB   1D41         pdb_00001d41 10.2210/pdb1d41/pdb 
RCSB  ZDFB24       ?            ?                   
WWPDB D_1000172646 ?            ?                   
# 
loop_
_pdbx_audit_revision_history.ordinal 
_pdbx_audit_revision_history.data_content_type 
_pdbx_audit_revision_history.major_revision 
_pdbx_audit_revision_history.minor_revision 
_pdbx_audit_revision_history.revision_date 
1 'Structure model' 1 0 1992-04-15 
2 'Structure model' 1 1 2008-05-22 
3 'Structure model' 1 2 2011-07-13 
4 'Structure model' 1 3 2024-02-07 
5 'Structure model' 1 4 2024-04-03 
# 
_pdbx_audit_revision_details.ordinal             1 
_pdbx_audit_revision_details.revision_ordinal    1 
_pdbx_audit_revision_details.data_content_type   'Structure model' 
_pdbx_audit_revision_details.provider            repository 
_pdbx_audit_revision_details.type                'Initial release' 
_pdbx_audit_revision_details.description         ? 
_pdbx_audit_revision_details.details             ? 
# 
loop_
_pdbx_audit_revision_group.ordinal 
_pdbx_audit_revision_group.revision_ordinal 
_pdbx_audit_revision_group.data_content_type 
_pdbx_audit_revision_group.group 
1 2 'Structure model' 'Version format compliance' 
2 3 'Structure model' 'Version format compliance' 
3 4 'Structure model' 'Data collection'           
4 4 'Structure model' 'Database references'       
5 4 'Structure model' 'Derived calculations'      
6 5 'Structure model' 'Refinement description'    
# 
loop_
_pdbx_audit_revision_category.ordinal 
_pdbx_audit_revision_category.revision_ordinal 
_pdbx_audit_revision_category.data_content_type 
_pdbx_audit_revision_category.category 
1 4 'Structure model' chem_comp_atom                
2 4 'Structure model' chem_comp_bond                
3 4 'Structure model' database_2                    
4 4 'Structure model' pdbx_struct_conn_angle        
5 4 'Structure model' struct_conn                   
6 4 'Structure model' struct_conn_type              
7 4 'Structure model' struct_site                   
8 5 'Structure model' pdbx_initial_refinement_model 
# 
loop_
_pdbx_audit_revision_item.ordinal 
_pdbx_audit_revision_item.revision_ordinal 
_pdbx_audit_revision_item.data_content_type 
_pdbx_audit_revision_item.item 
1  4 'Structure model' '_database_2.pdbx_DOI'                        
2  4 'Structure model' '_database_2.pdbx_database_accession'         
3  4 'Structure model' '_pdbx_struct_conn_angle.ptnr1_auth_asym_id'  
4  4 'Structure model' '_pdbx_struct_conn_angle.ptnr1_auth_comp_id'  
5  4 'Structure model' '_pdbx_struct_conn_angle.ptnr1_auth_seq_id'   
6  4 'Structure model' '_pdbx_struct_conn_angle.ptnr1_label_asym_id' 
7  4 'Structure model' '_pdbx_struct_conn_angle.ptnr1_label_atom_id' 
8  4 'Structure model' '_pdbx_struct_conn_angle.ptnr1_label_comp_id' 
9  4 'Structure model' '_pdbx_struct_conn_angle.ptnr1_label_seq_id'  
10 4 'Structure model' '_pdbx_struct_conn_angle.ptnr2_auth_seq_id'   
11 4 'Structure model' '_pdbx_struct_conn_angle.ptnr2_label_asym_id' 
12 4 'Structure model' '_pdbx_struct_conn_angle.ptnr3_auth_asym_id'  
13 4 'Structure model' '_pdbx_struct_conn_angle.ptnr3_auth_seq_id'   
14 4 'Structure model' '_pdbx_struct_conn_angle.ptnr3_label_asym_id' 
15 4 'Structure model' '_pdbx_struct_conn_angle.value'               
16 4 'Structure model' '_struct_conn.conn_type_id'                   
17 4 'Structure model' '_struct_conn.id'                             
18 4 'Structure model' '_struct_conn.pdbx_dist_value'                
19 4 'Structure model' '_struct_conn.pdbx_leaving_atom_flag'         
20 4 'Structure model' '_struct_conn.ptnr1_auth_asym_id'             
21 4 'Structure model' '_struct_conn.ptnr1_auth_comp_id'             
22 4 'Structure model' '_struct_conn.ptnr1_auth_seq_id'              
23 4 'Structure model' '_struct_conn.ptnr1_label_asym_id'            
24 4 'Structure model' '_struct_conn.ptnr1_label_atom_id'            
25 4 'Structure model' '_struct_conn.ptnr1_label_comp_id'            
26 4 'Structure model' '_struct_conn.ptnr1_label_seq_id'             
27 4 'Structure model' '_struct_conn.ptnr2_auth_asym_id'             
28 4 'Structure model' '_struct_conn.ptnr2_auth_comp_id'             
29 4 'Structure model' '_struct_conn.ptnr2_auth_seq_id'              
30 4 'Structure model' '_struct_conn.ptnr2_label_asym_id'            
31 4 'Structure model' '_struct_conn.ptnr2_label_atom_id'            
32 4 'Structure model' '_struct_conn.ptnr2_label_comp_id'            
33 4 'Structure model' '_struct_conn.ptnr2_label_seq_id'             
34 4 'Structure model' '_struct_conn_type.id'                        
35 4 'Structure model' '_struct_site.pdbx_auth_asym_id'              
36 4 'Structure model' '_struct_site.pdbx_auth_comp_id'              
37 4 'Structure model' '_struct_site.pdbx_auth_seq_id'               
# 
_pdbx_database_status.status_code                     REL 
_pdbx_database_status.entry_id                        1D41 
_pdbx_database_status.recvd_initial_deposition_date   1991-05-07 
_pdbx_database_status.deposit_site                    BNL 
_pdbx_database_status.process_site                    NDB 
_pdbx_database_status.status_code_sf                  REL 
_pdbx_database_status.status_code_mr                  ? 
_pdbx_database_status.SG_entry                        ? 
_pdbx_database_status.pdb_format_compatible           Y 
_pdbx_database_status.status_code_cs                  ? 
_pdbx_database_status.status_code_nmr_data            ? 
_pdbx_database_status.methods_development_category    ? 
# 
loop_
_audit_author.name 
_audit_author.pdbx_ordinal 
'Zhou, G.' 1 
'Ho, P.S.' 2 
# 
_citation.id                        primary 
_citation.title                     
'Stabilization of Z-DNA by demethylation of thymine bases: 1.3-A single-crystal structure of d(m5CGUAm5CG).' 
_citation.journal_abbrev            Biochemistry 
_citation.journal_volume            29 
_citation.page_first                7229 
_citation.page_last                 7236 
_citation.year                      1990 
_citation.journal_id_ASTM           BICHAW 
_citation.country                   US 
_citation.journal_id_ISSN           0006-2960 
_citation.journal_id_CSD            0033 
_citation.book_publisher            ? 
_citation.pdbx_database_id_PubMed   2207101 
_citation.pdbx_database_id_DOI      10.1021/bi00483a010 
# 
loop_
_citation_author.citation_id 
_citation_author.name 
_citation_author.ordinal 
_citation_author.identifier_ORCID 
primary 'Zhou, G.W.' 1 ? 
primary 'Ho, P.S.'   2 ? 
# 
loop_
_entity.id 
_entity.type 
_entity.src_method 
_entity.pdbx_description 
_entity.formula_weight 
_entity.pdbx_number_of_molecules 
_entity.pdbx_ec 
_entity.pdbx_mutation 
_entity.pdbx_fragment 
_entity.details 
1 polymer     syn 
;DNA (5'-D(*(5CM)P*GP*UP*AP*(5CM)P*G)-3')
;
1823.245 2  ? ? ? ? 
2 non-polymer syn 'MAGNESIUM ION'                            24.305   2  ? ? ? ? 
3 water       nat water                                      18.015   60 ? ? ? ? 
# 
_entity_poly.entity_id                      1 
_entity_poly.type                           polydeoxyribonucleotide 
_entity_poly.nstd_linkage                   no 
_entity_poly.nstd_monomer                   yes 
_entity_poly.pdbx_seq_one_letter_code       '(5CM)(DG)(DU)(DA)(5CM)(DG)' 
_entity_poly.pdbx_seq_one_letter_code_can   CGUACG 
_entity_poly.pdbx_strand_id                 A,B 
_entity_poly.pdbx_target_identifier         ? 
# 
loop_
_pdbx_entity_nonpoly.entity_id 
_pdbx_entity_nonpoly.name 
_pdbx_entity_nonpoly.comp_id 
2 'MAGNESIUM ION' MG  
3 water           HOH 
# 
loop_
_entity_poly_seq.entity_id 
_entity_poly_seq.num 
_entity_poly_seq.mon_id 
_entity_poly_seq.hetero 
1 1 5CM n 
1 2 DG  n 
1 3 DU  n 
1 4 DA  n 
1 5 5CM n 
1 6 DG  n 
# 
loop_
_chem_comp.id 
_chem_comp.type 
_chem_comp.mon_nstd_flag 
_chem_comp.name 
_chem_comp.pdbx_synonyms 
_chem_comp.formula 
_chem_comp.formula_weight 
5CM 'DNA linking' n "5-METHYL-2'-DEOXY-CYTIDINE-5'-MONOPHOSPHATE" ? 'C10 H16 N3 O7 P' 321.224 
DA  'DNA linking' y "2'-DEOXYADENOSINE-5'-MONOPHOSPHATE"          ? 'C10 H14 N5 O6 P' 331.222 
DG  'DNA linking' y "2'-DEOXYGUANOSINE-5'-MONOPHOSPHATE"          ? 'C10 H14 N5 O7 P' 347.221 
DU  'DNA linking' y "2'-DEOXYURIDINE-5'-MONOPHOSPHATE"            ? 'C9 H13 N2 O8 P'  308.182 
HOH non-polymer   . WATER                                         ? 'H2 O'            18.015  
MG  non-polymer   . 'MAGNESIUM ION'                               ? 'Mg 2'            24.305  
# 
loop_
_pdbx_poly_seq_scheme.asym_id 
_pdbx_poly_seq_scheme.entity_id 
_pdbx_poly_seq_scheme.seq_id 
_pdbx_poly_seq_scheme.mon_id 
_pdbx_poly_seq_scheme.ndb_seq_num 
_pdbx_poly_seq_scheme.pdb_seq_num 
_pdbx_poly_seq_scheme.auth_seq_num 
_pdbx_poly_seq_scheme.pdb_mon_id 
_pdbx_poly_seq_scheme.auth_mon_id 
_pdbx_poly_seq_scheme.pdb_strand_id 
_pdbx_poly_seq_scheme.pdb_ins_code 
_pdbx_poly_seq_scheme.hetero 
A 1 1 5CM 1 1  1  5CM +C A . n 
A 1 2 DG  2 2  2  DG  G  A . n 
A 1 3 DU  3 3  3  DU  U  A . n 
A 1 4 DA  4 4  4  DA  A  A . n 
A 1 5 5CM 5 5  5  5CM +C A . n 
A 1 6 DG  6 6  6  DG  G  A . n 
B 1 1 5CM 1 7  7  5CM +C B . n 
B 1 2 DG  2 8  8  DG  G  B . n 
B 1 3 DU  3 9  9  DU  U  B . n 
B 1 4 DA  4 10 10 DA  A  B . n 
B 1 5 5CM 5 11 11 5CM +C B . n 
B 1 6 DG  6 12 12 DG  G  B . n 
# 
loop_
_pdbx_nonpoly_scheme.asym_id 
_pdbx_nonpoly_scheme.entity_id 
_pdbx_nonpoly_scheme.mon_id 
_pdbx_nonpoly_scheme.ndb_seq_num 
_pdbx_nonpoly_scheme.pdb_seq_num 
_pdbx_nonpoly_scheme.auth_seq_num 
_pdbx_nonpoly_scheme.pdb_mon_id 
_pdbx_nonpoly_scheme.auth_mon_id 
_pdbx_nonpoly_scheme.pdb_strand_id 
_pdbx_nonpoly_scheme.pdb_ins_code 
C 2 MG  1  13 13 MG  MO5 B . 
D 2 MG  1  14 14 MG  MO6 B . 
E 3 HOH 1  16 16 HOH HOH A . 
E 3 HOH 2  17 17 HOH HOH A . 
E 3 HOH 3  18 18 HOH HOH A . 
E 3 HOH 4  19 19 HOH HOH A . 
E 3 HOH 5  20 20 HOH HOH A . 
E 3 HOH 6  21 21 HOH HOH A . 
E 3 HOH 7  24 24 HOH HOH A . 
E 3 HOH 8  26 26 HOH HOH A . 
E 3 HOH 9  27 27 HOH HOH A . 
E 3 HOH 10 29 29 HOH HOH A . 
E 3 HOH 11 33 33 HOH HOH A . 
E 3 HOH 12 34 34 HOH HOH A . 
E 3 HOH 13 36 36 HOH HOH A . 
E 3 HOH 14 37 37 HOH HOH A . 
E 3 HOH 15 38 38 HOH HOH A . 
E 3 HOH 16 39 39 HOH HOH A . 
E 3 HOH 17 40 40 HOH HOH A . 
E 3 HOH 18 41 41 HOH HOH A . 
E 3 HOH 19 44 44 HOH HOH A . 
E 3 HOH 20 46 46 HOH HOH A . 
E 3 HOH 21 48 48 HOH HOH A . 
E 3 HOH 22 49 49 HOH HOH A . 
E 3 HOH 23 51 51 HOH HOH A . 
E 3 HOH 24 52 52 HOH HOH A . 
E 3 HOH 25 53 53 HOH HOH A . 
E 3 HOH 26 54 54 HOH HOH A . 
E 3 HOH 27 55 55 HOH HOH A . 
E 3 HOH 28 58 58 HOH HOH A . 
E 3 HOH 29 63 63 HOH HOH A . 
E 3 HOH 30 69 14 HOH MO6 A . 
E 3 HOH 31 71 14 HOH MO6 A . 
E 3 HOH 32 72 14 HOH MO6 A . 
E 3 HOH 33 73 14 HOH MO6 A . 
E 3 HOH 34 74 14 HOH MO6 A . 
F 3 HOH 1  15 15 HOH HOH B . 
F 3 HOH 2  22 22 HOH HOH B . 
F 3 HOH 3  23 23 HOH HOH B . 
F 3 HOH 4  25 25 HOH HOH B . 
F 3 HOH 5  28 28 HOH HOH B . 
F 3 HOH 6  30 30 HOH HOH B . 
F 3 HOH 7  31 31 HOH HOH B . 
F 3 HOH 8  32 32 HOH HOH B . 
F 3 HOH 9  35 35 HOH HOH B . 
F 3 HOH 10 42 42 HOH HOH B . 
F 3 HOH 11 43 43 HOH HOH B . 
F 3 HOH 12 45 45 HOH HOH B . 
F 3 HOH 13 47 47 HOH HOH B . 
F 3 HOH 14 50 50 HOH HOH B . 
F 3 HOH 15 56 56 HOH HOH B . 
F 3 HOH 16 57 57 HOH HOH B . 
F 3 HOH 17 59 59 HOH HOH B . 
F 3 HOH 18 60 60 HOH HOH B . 
F 3 HOH 19 61 61 HOH HOH B . 
F 3 HOH 20 62 62 HOH HOH B . 
F 3 HOH 21 64 13 HOH MO5 B . 
F 3 HOH 22 65 13 HOH MO5 B . 
F 3 HOH 23 66 13 HOH MO5 B . 
F 3 HOH 24 67 13 HOH MO5 B . 
F 3 HOH 25 68 13 HOH MO5 B . 
F 3 HOH 26 70 14 HOH MO6 B . 
# 
_software.name             NUCLSQ 
_software.classification   refinement 
_software.version          . 
_software.citation_id      ? 
_software.pdbx_ordinal     1 
# 
_cell.entry_id           1D41 
_cell.length_a           17.820 
_cell.length_b           30.440 
_cell.length_c           44.520 
_cell.angle_alpha        90.00 
_cell.angle_beta         90.00 
_cell.angle_gamma        90.00 
_cell.Z_PDB              8 
_cell.pdbx_unique_axis   ? 
# 
_symmetry.entry_id                         1D41 
_symmetry.space_group_name_H-M             'P 21 21 21' 
_symmetry.pdbx_full_space_group_name_H-M   ? 
_symmetry.cell_setting                     ? 
_symmetry.Int_Tables_number                19 
# 
_exptl.entry_id          1D41 
_exptl.method            'X-RAY DIFFRACTION' 
_exptl.crystals_number   ? 
# 
_exptl_crystal.id                    1 
_exptl_crystal.density_meas          ? 
_exptl_crystal.density_Matthews      1.66 
_exptl_crystal.density_percent_sol   25.71 
_exptl_crystal.description           ? 
# 
_exptl_crystal_grow.crystal_id      1 
_exptl_crystal_grow.method          'VAPOR DIFFUSION' 
_exptl_crystal_grow.temp            ? 
_exptl_crystal_grow.temp_details    'ROOM TEMPERATURE' 
_exptl_crystal_grow.pH              7.00 
_exptl_crystal_grow.pdbx_details    'pH 7.00, VAPOR DIFFUSION' 
_exptl_crystal_grow.pdbx_pH_range   ? 
# 
loop_
_exptl_crystal_grow_comp.crystal_id 
_exptl_crystal_grow_comp.id 
_exptl_crystal_grow_comp.sol_id 
_exptl_crystal_grow_comp.name 
_exptl_crystal_grow_comp.volume 
_exptl_crystal_grow_comp.conc 
_exptl_crystal_grow_comp.details 
1 1 1 WATER           ? ? ? 
1 2 1 MPD             ? ? ? 
1 3 1 'NA CACODYLATE' ? ? ? 
1 4 1 MGCL2           ? ? ? 
1 5 2 WATER           ? ? ? 
1 6 2 MPD             ? ? ? 
# 
_diffrn.id                     1 
_diffrn.ambient_temp           ? 
_diffrn.ambient_temp_details   'ROOM TEMPERATURE' 
_diffrn.crystal_id             1 
# 
_diffrn_detector.diffrn_id              1 
_diffrn_detector.detector               'IMAGE PLATE' 
_diffrn_detector.type                   RIGAKU 
_diffrn_detector.pdbx_collection_date   ? 
_diffrn_detector.details                ? 
# 
_diffrn_radiation.diffrn_id                        1 
_diffrn_radiation.wavelength_id                    1 
_diffrn_radiation.pdbx_monochromatic_or_laue_m_l   ? 
_diffrn_radiation.monochromator                    ? 
_diffrn_radiation.pdbx_diffrn_protocol             ? 
_diffrn_radiation.pdbx_scattering_type             x-ray 
# 
_diffrn_radiation_wavelength.id           1 
_diffrn_radiation_wavelength.wavelength   . 
_diffrn_radiation_wavelength.wt           1.0 
# 
_diffrn_source.diffrn_id                   1 
_diffrn_source.source                      ? 
_diffrn_source.type                        ? 
_diffrn_source.pdbx_synchrotron_site       ? 
_diffrn_source.pdbx_synchrotron_beamline   ? 
_diffrn_source.pdbx_wavelength             ? 
_diffrn_source.pdbx_wavelength_list        ? 
# 
_reflns.entry_id                     1D41 
_reflns.observed_criterion_sigma_I   ? 
_reflns.observed_criterion_sigma_F   2.000 
_reflns.d_resolution_low             ? 
_reflns.d_resolution_high            1.300 
_reflns.number_obs                   2870 
_reflns.number_all                   3869 
_reflns.percent_possible_obs         ? 
_reflns.pdbx_Rmerge_I_obs            ? 
_reflns.pdbx_Rsym_value              ? 
_reflns.pdbx_netI_over_sigmaI        ? 
_reflns.B_iso_Wilson_estimate        ? 
_reflns.pdbx_redundancy              ? 
_reflns.pdbx_diffrn_id               1 
_reflns.pdbx_ordinal                 1 
# 
_refine.entry_id                                 1D41 
_refine.ls_number_reflns_obs                     2870 
_refine.ls_number_reflns_all                     ? 
_refine.pdbx_ls_sigma_I                          ? 
_refine.pdbx_ls_sigma_F                          ? 
_refine.pdbx_data_cutoff_high_absF               ? 
_refine.pdbx_data_cutoff_low_absF                ? 
_refine.pdbx_data_cutoff_high_rms_absF           ? 
_refine.ls_d_res_low                             ? 
_refine.ls_d_res_high                            1.300 
_refine.ls_percent_reflns_obs                    ? 
_refine.ls_R_factor_obs                          0.208 
_refine.ls_R_factor_all                          ? 
_refine.ls_R_factor_R_work                       ? 
_refine.ls_R_factor_R_free                       ? 
_refine.ls_R_factor_R_free_error                 ? 
_refine.ls_R_factor_R_free_error_details         ? 
_refine.ls_percent_reflns_R_free                 ? 
_refine.ls_number_reflns_R_free                  ? 
_refine.ls_number_parameters                     ? 
_refine.ls_number_restraints                     ? 
_refine.occupancy_min                            ? 
_refine.occupancy_max                            ? 
_refine.B_iso_mean                               ? 
_refine.aniso_B[1][1]                            ? 
_refine.aniso_B[2][2]                            ? 
_refine.aniso_B[3][3]                            ? 
_refine.aniso_B[1][2]                            ? 
_refine.aniso_B[1][3]                            ? 
_refine.aniso_B[2][3]                            ? 
_refine.solvent_model_details                    ? 
_refine.solvent_model_param_ksol                 ? 
_refine.solvent_model_param_bsol                 ? 
_refine.pdbx_ls_cross_valid_method               ? 
_refine.details                                  ? 
_refine.pdbx_starting_model                      
'ZDFB06 IN WHICH THE METHYL GROUPS OF THE THYMINE BASES WERE REMOVED FROM THE C5 POSITIONS.' 
_refine.pdbx_method_to_determine_struct          ? 
_refine.pdbx_isotropic_thermal_model             ? 
_refine.pdbx_stereochemistry_target_values       ? 
_refine.pdbx_stereochem_target_val_spec_case     ? 
_refine.pdbx_R_Free_selection_details            ? 
_refine.pdbx_overall_ESU_R                       ? 
_refine.pdbx_overall_ESU_R_Free                  ? 
_refine.overall_SU_ML                            ? 
_refine.overall_SU_B                             ? 
_refine.pdbx_refine_id                           'X-RAY DIFFRACTION' 
_refine.pdbx_diffrn_id                           1 
_refine.pdbx_TLS_residual_ADP_flag               ? 
_refine.correlation_coeff_Fo_to_Fc               ? 
_refine.correlation_coeff_Fo_to_Fc_free          ? 
_refine.pdbx_solvent_vdw_probe_radii             ? 
_refine.pdbx_solvent_ion_probe_radii             ? 
_refine.pdbx_solvent_shrinkage_radii             ? 
_refine.pdbx_overall_phase_error                 ? 
_refine.overall_SU_R_Cruickshank_DPI             ? 
_refine.pdbx_overall_SU_R_free_Cruickshank_DPI   ? 
_refine.pdbx_overall_SU_R_Blow_DPI               ? 
_refine.pdbx_overall_SU_R_free_Blow_DPI          ? 
# 
_refine_hist.pdbx_refine_id                   'X-RAY DIFFRACTION' 
_refine_hist.cycle_id                         LAST 
_refine_hist.pdbx_number_atoms_protein        0 
_refine_hist.pdbx_number_atoms_nucleic_acid   238 
_refine_hist.pdbx_number_atoms_ligand         17 
_refine_hist.number_atoms_solvent             49 
_refine_hist.number_atoms_total               304 
_refine_hist.d_res_high                       1.300 
_refine_hist.d_res_low                        . 
# 
_struct.entry_id                  1D41 
_struct.title                     
'STABILIZATION OF Z-DNA BY DEMETHYLATION OF THYMINE BASES: 1.3 ANGSTROMS SINGLE-CRYSTAL STRUCTURE OF D(M5CGUAM5CG)' 
_struct.pdbx_model_details        ? 
_struct.pdbx_CASP_flag            ? 
_struct.pdbx_model_type_details   ? 
# 
_struct_keywords.entry_id        1D41 
_struct_keywords.pdbx_keywords   DNA 
_struct_keywords.text            'Z-DNA, DOUBLE HELIX, MODIFIED, DNA' 
# 
loop_
_struct_asym.id 
_struct_asym.pdbx_blank_PDB_chainid_flag 
_struct_asym.pdbx_modified 
_struct_asym.entity_id 
_struct_asym.details 
A N N 1 ? 
B N N 1 ? 
C N N 2 ? 
D N N 2 ? 
E N N 3 ? 
F N N 3 ? 
# 
_struct_ref.id                         1 
_struct_ref.entity_id                  1 
_struct_ref.db_name                    PDB 
_struct_ref.db_code                    1D41 
_struct_ref.pdbx_db_accession          1D41 
_struct_ref.pdbx_db_isoform            ? 
_struct_ref.pdbx_seq_one_letter_code   ? 
_struct_ref.pdbx_align_begin           ? 
# 
loop_
_struct_ref_seq.align_id 
_struct_ref_seq.ref_id 
_struct_ref_seq.pdbx_PDB_id_code 
_struct_ref_seq.pdbx_strand_id 
_struct_ref_seq.seq_align_beg 
_struct_ref_seq.pdbx_seq_align_beg_ins_code 
_struct_ref_seq.seq_align_end 
_struct_ref_seq.pdbx_seq_align_end_ins_code 
_struct_ref_seq.pdbx_db_accession 
_struct_ref_seq.db_align_beg 
_struct_ref_seq.pdbx_db_align_beg_ins_code 
_struct_ref_seq.db_align_end 
_struct_ref_seq.pdbx_db_align_end_ins_code 
_struct_ref_seq.pdbx_auth_seq_align_beg 
_struct_ref_seq.pdbx_auth_seq_align_end 
1 1 1D41 A 1 ? 6 ? 1D41 1 ? 6  ? 1 6  
2 1 1D41 B 1 ? 6 ? 1D41 7 ? 12 ? 7 12 
# 
_pdbx_struct_assembly.id                   1 
_pdbx_struct_assembly.details              author_defined_assembly 
_pdbx_struct_assembly.method_details       ? 
_pdbx_struct_assembly.oligomeric_details   dimeric 
_pdbx_struct_assembly.oligomeric_count     2 
# 
_pdbx_struct_assembly_gen.assembly_id       1 
_pdbx_struct_assembly_gen.oper_expression   1 
_pdbx_struct_assembly_gen.asym_id_list      A,B,C,D,E,F 
# 
_pdbx_struct_oper_list.id                   1 
_pdbx_struct_oper_list.type                 'identity operation' 
_pdbx_struct_oper_list.name                 1_555 
_pdbx_struct_oper_list.symmetry_operation   x,y,z 
_pdbx_struct_oper_list.matrix[1][1]         1.0000000000 
_pdbx_struct_oper_list.matrix[1][2]         0.0000000000 
_pdbx_struct_oper_list.matrix[1][3]         0.0000000000 
_pdbx_struct_oper_list.vector[1]            0.0000000000 
_pdbx_struct_oper_list.matrix[2][1]         0.0000000000 
_pdbx_struct_oper_list.matrix[2][2]         1.0000000000 
_pdbx_struct_oper_list.matrix[2][3]         0.0000000000 
_pdbx_struct_oper_list.vector[2]            0.0000000000 
_pdbx_struct_oper_list.matrix[3][1]         0.0000000000 
_pdbx_struct_oper_list.matrix[3][2]         0.0000000000 
_pdbx_struct_oper_list.matrix[3][3]         1.0000000000 
_pdbx_struct_oper_list.vector[3]            0.0000000000 
# 
_struct_biol.id   1 
# 
loop_
_struct_conn.id 
_struct_conn.conn_type_id 
_struct_conn.pdbx_leaving_atom_flag 
_struct_conn.pdbx_PDB_id 
_struct_conn.ptnr1_label_asym_id 
_struct_conn.ptnr1_label_comp_id 
_struct_conn.ptnr1_label_seq_id 
_struct_conn.ptnr1_label_atom_id 
_struct_conn.pdbx_ptnr1_label_alt_id 
_struct_conn.pdbx_ptnr1_PDB_ins_code 
_struct_conn.pdbx_ptnr1_standard_comp_id 
_struct_conn.ptnr1_symmetry 
_struct_conn.ptnr2_label_asym_id 
_struct_conn.ptnr2_label_comp_id 
_struct_conn.ptnr2_label_seq_id 
_struct_conn.ptnr2_label_atom_id 
_struct_conn.pdbx_ptnr2_label_alt_id 
_struct_conn.pdbx_ptnr2_PDB_ins_code 
_struct_conn.ptnr1_auth_asym_id 
_struct_conn.ptnr1_auth_comp_id 
_struct_conn.ptnr1_auth_seq_id 
_struct_conn.ptnr2_auth_asym_id 
_struct_conn.ptnr2_auth_comp_id 
_struct_conn.ptnr2_auth_seq_id 
_struct_conn.ptnr2_symmetry 
_struct_conn.pdbx_ptnr3_label_atom_id 
_struct_conn.pdbx_ptnr3_label_seq_id 
_struct_conn.pdbx_ptnr3_label_comp_id 
_struct_conn.pdbx_ptnr3_label_asym_id 
_struct_conn.pdbx_ptnr3_label_alt_id 
_struct_conn.pdbx_ptnr3_PDB_ins_code 
_struct_conn.details 
_struct_conn.pdbx_dist_value 
_struct_conn.pdbx_value_order 
_struct_conn.pdbx_role 
covale1  covale both ? A 5CM 1 "O3'" ? ? ? 1_555 A DG  2 P  ? ? A 5CM 1  A DG  2  1_555 ? ? ? ? ? ? ?            1.643 ? ? 
covale2  covale both ? A DA  4 "O3'" ? ? ? 1_555 A 5CM 5 P  ? ? A DA  4  A 5CM 5  1_555 ? ? ? ? ? ? ?            1.615 ? ? 
covale3  covale both ? A 5CM 5 "O3'" ? ? ? 1_555 A DG  6 P  ? ? A 5CM 5  A DG  6  1_555 ? ? ? ? ? ? ?            1.616 ? ? 
covale4  covale both ? B 5CM 1 "O3'" ? ? ? 1_555 B DG  2 P  ? ? B 5CM 7  B DG  8  1_555 ? ? ? ? ? ? ?            1.523 ? ? 
covale5  covale both ? B DA  4 "O3'" ? ? ? 1_555 B 5CM 5 P  ? ? B DA  10 B 5CM 11 1_555 ? ? ? ? ? ? ?            1.626 ? ? 
covale6  covale both ? B 5CM 5 "O3'" ? ? ? 1_555 B DG  6 P  ? ? B 5CM 11 B DG  12 1_555 ? ? ? ? ? ? ?            1.604 ? ? 
metalc1  metalc ?    ? E HOH . O     ? ? ? 1_555 D MG  . MG ? ? A HOH 69 B MG  14 1_555 ? ? ? ? ? ? ?            2.124 ? ? 
metalc2  metalc ?    ? E HOH . O     ? ? ? 1_555 D MG  . MG ? ? A HOH 71 B MG  14 1_555 ? ? ? ? ? ? ?            2.076 ? ? 
metalc3  metalc ?    ? E HOH . O     ? ? ? 1_555 D MG  . MG ? ? A HOH 72 B MG  14 1_555 ? ? ? ? ? ? ?            2.050 ? ? 
metalc4  metalc ?    ? E HOH . O     ? ? ? 1_555 D MG  . MG ? ? A HOH 73 B MG  14 1_555 ? ? ? ? ? ? ?            2.189 ? ? 
metalc5  metalc ?    ? E HOH . O     ? ? ? 1_555 D MG  . MG ? ? A HOH 74 B MG  14 1_555 ? ? ? ? ? ? ?            2.079 ? ? 
metalc6  metalc ?    ? B DU  3 OP2   ? ? ? 1_555 C MG  . MG ? ? B DU  9  B MG  13 1_555 ? ? ? ? ? ? ?            1.968 ? ? 
metalc7  metalc ?    ? C MG  . MG    ? ? ? 1_555 F HOH . O  ? ? B MG  13 B HOH 64 1_555 ? ? ? ? ? ? ?            2.051 ? ? 
metalc8  metalc ?    ? C MG  . MG    ? ? ? 1_555 F HOH . O  ? ? B MG  13 B HOH 65 1_555 ? ? ? ? ? ? ?            2.090 ? ? 
metalc9  metalc ?    ? C MG  . MG    ? ? ? 1_555 F HOH . O  ? ? B MG  13 B HOH 66 1_555 ? ? ? ? ? ? ?            2.240 ? ? 
metalc10 metalc ?    ? C MG  . MG    ? ? ? 1_555 F HOH . O  ? ? B MG  13 B HOH 67 1_555 ? ? ? ? ? ? ?            2.024 ? ? 
metalc11 metalc ?    ? C MG  . MG    ? ? ? 1_555 F HOH . O  ? ? B MG  13 B HOH 68 1_555 ? ? ? ? ? ? ?            2.180 ? ? 
metalc12 metalc ?    ? D MG  . MG    ? ? ? 1_555 F HOH . O  ? ? B MG  14 B HOH 70 1_555 ? ? ? ? ? ? ?            2.171 ? ? 
hydrog1  hydrog ?    ? A 5CM 1 N3    ? ? ? 1_555 B DG  6 N1 ? ? A 5CM 1  B DG  12 1_555 ? ? ? ? ? ? WATSON-CRICK ?     ? ? 
hydrog2  hydrog ?    ? A 5CM 1 N4    ? ? ? 1_555 B DG  6 O6 ? ? A 5CM 1  B DG  12 1_555 ? ? ? ? ? ? WATSON-CRICK ?     ? ? 
hydrog3  hydrog ?    ? A 5CM 1 O2    ? ? ? 1_555 B DG  6 N2 ? ? A 5CM 1  B DG  12 1_555 ? ? ? ? ? ? WATSON-CRICK ?     ? ? 
hydrog4  hydrog ?    ? A DG  2 N1    ? ? ? 1_555 B 5CM 5 N3 ? ? A DG  2  B 5CM 11 1_555 ? ? ? ? ? ? WATSON-CRICK ?     ? ? 
hydrog5  hydrog ?    ? A DG  2 N2    ? ? ? 1_555 B 5CM 5 O2 ? ? A DG  2  B 5CM 11 1_555 ? ? ? ? ? ? WATSON-CRICK ?     ? ? 
hydrog6  hydrog ?    ? A DG  2 O6    ? ? ? 1_555 B 5CM 5 N4 ? ? A DG  2  B 5CM 11 1_555 ? ? ? ? ? ? WATSON-CRICK ?     ? ? 
hydrog7  hydrog ?    ? A DU  3 N3    ? ? ? 1_555 B DA  4 N1 ? ? A DU  3  B DA  10 1_555 ? ? ? ? ? ? WATSON-CRICK ?     ? ? 
hydrog8  hydrog ?    ? A DU  3 O4    ? ? ? 1_555 B DA  4 N6 ? ? A DU  3  B DA  10 1_555 ? ? ? ? ? ? WATSON-CRICK ?     ? ? 
hydrog9  hydrog ?    ? A DA  4 N1    ? ? ? 1_555 B DU  3 N3 ? ? A DA  4  B DU  9  1_555 ? ? ? ? ? ? WATSON-CRICK ?     ? ? 
hydrog10 hydrog ?    ? A DA  4 N6    ? ? ? 1_555 B DU  3 O4 ? ? A DA  4  B DU  9  1_555 ? ? ? ? ? ? WATSON-CRICK ?     ? ? 
hydrog11 hydrog ?    ? A 5CM 5 N3    ? ? ? 1_555 B DG  2 N1 ? ? A 5CM 5  B DG  8  1_555 ? ? ? ? ? ? WATSON-CRICK ?     ? ? 
hydrog12 hydrog ?    ? A 5CM 5 N4    ? ? ? 1_555 B DG  2 O6 ? ? A 5CM 5  B DG  8  1_555 ? ? ? ? ? ? WATSON-CRICK ?     ? ? 
hydrog13 hydrog ?    ? A 5CM 5 O2    ? ? ? 1_555 B DG  2 N2 ? ? A 5CM 5  B DG  8  1_555 ? ? ? ? ? ? WATSON-CRICK ?     ? ? 
hydrog14 hydrog ?    ? A DG  6 N1    ? ? ? 1_555 B 5CM 1 N3 ? ? A DG  6  B 5CM 7  1_555 ? ? ? ? ? ? WATSON-CRICK ?     ? ? 
hydrog15 hydrog ?    ? A DG  6 N2    ? ? ? 1_555 B 5CM 1 O2 ? ? A DG  6  B 5CM 7  1_555 ? ? ? ? ? ? WATSON-CRICK ?     ? ? 
hydrog16 hydrog ?    ? A DG  6 O6    ? ? ? 1_555 B 5CM 1 N4 ? ? A DG  6  B 5CM 7  1_555 ? ? ? ? ? ? WATSON-CRICK ?     ? ? 
# 
loop_
_struct_conn_type.id 
_struct_conn_type.criteria 
_struct_conn_type.reference 
covale ? ? 
metalc ? ? 
hydrog ? ? 
# 
loop_
_pdbx_struct_conn_angle.id 
_pdbx_struct_conn_angle.ptnr1_label_atom_id 
_pdbx_struct_conn_angle.ptnr1_label_alt_id 
_pdbx_struct_conn_angle.ptnr1_label_asym_id 
_pdbx_struct_conn_angle.ptnr1_label_comp_id 
_pdbx_struct_conn_angle.ptnr1_label_seq_id 
_pdbx_struct_conn_angle.ptnr1_auth_atom_id 
_pdbx_struct_conn_angle.ptnr1_auth_asym_id 
_pdbx_struct_conn_angle.ptnr1_auth_comp_id 
_pdbx_struct_conn_angle.ptnr1_auth_seq_id 
_pdbx_struct_conn_angle.ptnr1_PDB_ins_code 
_pdbx_struct_conn_angle.ptnr1_symmetry 
_pdbx_struct_conn_angle.ptnr2_label_atom_id 
_pdbx_struct_conn_angle.ptnr2_label_alt_id 
_pdbx_struct_conn_angle.ptnr2_label_asym_id 
_pdbx_struct_conn_angle.ptnr2_label_comp_id 
_pdbx_struct_conn_angle.ptnr2_label_seq_id 
_pdbx_struct_conn_angle.ptnr2_auth_atom_id 
_pdbx_struct_conn_angle.ptnr2_auth_asym_id 
_pdbx_struct_conn_angle.ptnr2_auth_comp_id 
_pdbx_struct_conn_angle.ptnr2_auth_seq_id 
_pdbx_struct_conn_angle.ptnr2_PDB_ins_code 
_pdbx_struct_conn_angle.ptnr2_symmetry 
_pdbx_struct_conn_angle.ptnr3_label_atom_id 
_pdbx_struct_conn_angle.ptnr3_label_alt_id 
_pdbx_struct_conn_angle.ptnr3_label_asym_id 
_pdbx_struct_conn_angle.ptnr3_label_comp_id 
_pdbx_struct_conn_angle.ptnr3_label_seq_id 
_pdbx_struct_conn_angle.ptnr3_auth_atom_id 
_pdbx_struct_conn_angle.ptnr3_auth_asym_id 
_pdbx_struct_conn_angle.ptnr3_auth_comp_id 
_pdbx_struct_conn_angle.ptnr3_auth_seq_id 
_pdbx_struct_conn_angle.ptnr3_PDB_ins_code 
_pdbx_struct_conn_angle.ptnr3_symmetry 
_pdbx_struct_conn_angle.value 
_pdbx_struct_conn_angle.value_esd 
1  O   ? E HOH . ? A HOH 69 ? 1_555 MG ? D MG . ? B MG 14 ? 1_555 O ? E HOH . ? A HOH 71 ? 1_555 94.3  ? 
2  O   ? E HOH . ? A HOH 69 ? 1_555 MG ? D MG . ? B MG 14 ? 1_555 O ? E HOH . ? A HOH 72 ? 1_555 85.9  ? 
3  O   ? E HOH . ? A HOH 71 ? 1_555 MG ? D MG . ? B MG 14 ? 1_555 O ? E HOH . ? A HOH 72 ? 1_555 177.3 ? 
4  O   ? E HOH . ? A HOH 69 ? 1_555 MG ? D MG . ? B MG 14 ? 1_555 O ? E HOH . ? A HOH 73 ? 1_555 85.9  ? 
5  O   ? E HOH . ? A HOH 71 ? 1_555 MG ? D MG . ? B MG 14 ? 1_555 O ? E HOH . ? A HOH 73 ? 1_555 82.6  ? 
6  O   ? E HOH . ? A HOH 72 ? 1_555 MG ? D MG . ? B MG 14 ? 1_555 O ? E HOH . ? A HOH 73 ? 1_555 94.7  ? 
7  O   ? E HOH . ? A HOH 69 ? 1_555 MG ? D MG . ? B MG 14 ? 1_555 O ? E HOH . ? A HOH 74 ? 1_555 92.3  ? 
8  O   ? E HOH . ? A HOH 71 ? 1_555 MG ? D MG . ? B MG 14 ? 1_555 O ? E HOH . ? A HOH 74 ? 1_555 83.9  ? 
9  O   ? E HOH . ? A HOH 72 ? 1_555 MG ? D MG . ? B MG 14 ? 1_555 O ? E HOH . ? A HOH 74 ? 1_555 98.8  ? 
10 O   ? E HOH . ? A HOH 73 ? 1_555 MG ? D MG . ? B MG 14 ? 1_555 O ? E HOH . ? A HOH 74 ? 1_555 166.2 ? 
11 O   ? E HOH . ? A HOH 69 ? 1_555 MG ? D MG . ? B MG 14 ? 1_555 O ? F HOH . ? B HOH 70 ? 1_555 175.0 ? 
12 O   ? E HOH . ? A HOH 71 ? 1_555 MG ? D MG . ? B MG 14 ? 1_555 O ? F HOH . ? B HOH 70 ? 1_555 89.5  ? 
13 O   ? E HOH . ? A HOH 72 ? 1_555 MG ? D MG . ? B MG 14 ? 1_555 O ? F HOH . ? B HOH 70 ? 1_555 90.2  ? 
14 O   ? E HOH . ? A HOH 73 ? 1_555 MG ? D MG . ? B MG 14 ? 1_555 O ? F HOH . ? B HOH 70 ? 1_555 91.3  ? 
15 O   ? E HOH . ? A HOH 74 ? 1_555 MG ? D MG . ? B MG 14 ? 1_555 O ? F HOH . ? B HOH 70 ? 1_555 91.3  ? 
16 OP2 ? B DU  3 ? B DU  9  ? 1_555 MG ? C MG . ? B MG 13 ? 1_555 O ? F HOH . ? B HOH 64 ? 1_555 91.5  ? 
17 OP2 ? B DU  3 ? B DU  9  ? 1_555 MG ? C MG . ? B MG 13 ? 1_555 O ? F HOH . ? B HOH 65 ? 1_555 89.0  ? 
18 O   ? F HOH . ? B HOH 64 ? 1_555 MG ? C MG . ? B MG 13 ? 1_555 O ? F HOH . ? B HOH 65 ? 1_555 172.7 ? 
19 OP2 ? B DU  3 ? B DU  9  ? 1_555 MG ? C MG . ? B MG 13 ? 1_555 O ? F HOH . ? B HOH 66 ? 1_555 91.3  ? 
20 O   ? F HOH . ? B HOH 64 ? 1_555 MG ? C MG . ? B MG 13 ? 1_555 O ? F HOH . ? B HOH 66 ? 1_555 89.9  ? 
21 O   ? F HOH . ? B HOH 65 ? 1_555 MG ? C MG . ? B MG 13 ? 1_555 O ? F HOH . ? B HOH 66 ? 1_555 82.9  ? 
22 OP2 ? B DU  3 ? B DU  9  ? 1_555 MG ? C MG . ? B MG 13 ? 1_555 O ? F HOH . ? B HOH 67 ? 1_555 96.8  ? 
23 O   ? F HOH . ? B HOH 64 ? 1_555 MG ? C MG . ? B MG 13 ? 1_555 O ? F HOH . ? B HOH 67 ? 1_555 105.1 ? 
24 O   ? F HOH . ? B HOH 65 ? 1_555 MG ? C MG . ? B MG 13 ? 1_555 O ? F HOH . ? B HOH 67 ? 1_555 82.0  ? 
25 O   ? F HOH . ? B HOH 66 ? 1_555 MG ? C MG . ? B MG 13 ? 1_555 O ? F HOH . ? B HOH 67 ? 1_555 162.6 ? 
26 OP2 ? B DU  3 ? B DU  9  ? 1_555 MG ? C MG . ? B MG 13 ? 1_555 O ? F HOH . ? B HOH 68 ? 1_555 172.0 ? 
27 O   ? F HOH . ? B HOH 64 ? 1_555 MG ? C MG . ? B MG 13 ? 1_555 O ? F HOH . ? B HOH 68 ? 1_555 96.0  ? 
28 O   ? F HOH . ? B HOH 65 ? 1_555 MG ? C MG . ? B MG 13 ? 1_555 O ? F HOH . ? B HOH 68 ? 1_555 83.2  ? 
29 O   ? F HOH . ? B HOH 66 ? 1_555 MG ? C MG . ? B MG 13 ? 1_555 O ? F HOH . ? B HOH 68 ? 1_555 86.0  ? 
30 O   ? F HOH . ? B HOH 67 ? 1_555 MG ? C MG . ? B MG 13 ? 1_555 O ? F HOH . ? B HOH 68 ? 1_555 83.9  ? 
# 
loop_
_struct_site.id 
_struct_site.pdbx_evidence_code 
_struct_site.pdbx_auth_asym_id 
_struct_site.pdbx_auth_comp_id 
_struct_site.pdbx_auth_seq_id 
_struct_site.pdbx_auth_ins_code 
_struct_site.pdbx_num_residues 
_struct_site.details 
AC1 Software B MG 13 ? 6 'BINDING SITE FOR RESIDUE MG B 13' 
AC2 Software B MG 14 ? 6 'BINDING SITE FOR RESIDUE MG B 14' 
# 
loop_
_struct_site_gen.id 
_struct_site_gen.site_id 
_struct_site_gen.pdbx_num_res 
_struct_site_gen.label_comp_id 
_struct_site_gen.label_asym_id 
_struct_site_gen.label_seq_id 
_struct_site_gen.pdbx_auth_ins_code 
_struct_site_gen.auth_comp_id 
_struct_site_gen.auth_asym_id 
_struct_site_gen.auth_seq_id 
_struct_site_gen.label_atom_id 
_struct_site_gen.label_alt_id 
_struct_site_gen.symmetry 
_struct_site_gen.details 
1  AC1 6 DU  B 3 ? DU  B 9  . ? 1_555 ? 
2  AC1 6 HOH F . ? HOH B 64 . ? 1_555 ? 
3  AC1 6 HOH F . ? HOH B 65 . ? 1_555 ? 
4  AC1 6 HOH F . ? HOH B 66 . ? 1_555 ? 
5  AC1 6 HOH F . ? HOH B 67 . ? 1_555 ? 
6  AC1 6 HOH F . ? HOH B 68 . ? 1_555 ? 
7  AC2 6 HOH E . ? HOH A 69 . ? 1_555 ? 
8  AC2 6 HOH E . ? HOH A 71 . ? 1_555 ? 
9  AC2 6 HOH E . ? HOH A 72 . ? 1_555 ? 
10 AC2 6 HOH E . ? HOH A 73 . ? 1_555 ? 
11 AC2 6 HOH E . ? HOH A 74 . ? 1_555 ? 
12 AC2 6 HOH F . ? HOH B 70 . ? 1_555 ? 
# 
loop_
_pdbx_validate_close_contact.id 
_pdbx_validate_close_contact.PDB_model_num 
_pdbx_validate_close_contact.auth_atom_id_1 
_pdbx_validate_close_contact.auth_asym_id_1 
_pdbx_validate_close_contact.auth_comp_id_1 
_pdbx_validate_close_contact.auth_seq_id_1 
_pdbx_validate_close_contact.PDB_ins_code_1 
_pdbx_validate_close_contact.label_alt_id_1 
_pdbx_validate_close_contact.auth_atom_id_2 
_pdbx_validate_close_contact.auth_asym_id_2 
_pdbx_validate_close_contact.auth_comp_id_2 
_pdbx_validate_close_contact.auth_seq_id_2 
_pdbx_validate_close_contact.PDB_ins_code_2 
_pdbx_validate_close_contact.label_alt_id_2 
_pdbx_validate_close_contact.dist 
1 1 O     A HOH 19 ? ? O A HOH 39 ? ? 1.69 
2 1 "O3'" A DG  2  ? ? O A HOH 20 ? ? 1.92 
3 1 "C5'" B 5CM 7  ? ? O B HOH 30 ? ? 2.16 
# 
loop_
_pdbx_validate_rmsd_bond.id 
_pdbx_validate_rmsd_bond.PDB_model_num 
_pdbx_validate_rmsd_bond.auth_atom_id_1 
_pdbx_validate_rmsd_bond.auth_asym_id_1 
_pdbx_validate_rmsd_bond.auth_comp_id_1 
_pdbx_validate_rmsd_bond.auth_seq_id_1 
_pdbx_validate_rmsd_bond.PDB_ins_code_1 
_pdbx_validate_rmsd_bond.label_alt_id_1 
_pdbx_validate_rmsd_bond.auth_atom_id_2 
_pdbx_validate_rmsd_bond.auth_asym_id_2 
_pdbx_validate_rmsd_bond.auth_comp_id_2 
_pdbx_validate_rmsd_bond.auth_seq_id_2 
_pdbx_validate_rmsd_bond.PDB_ins_code_2 
_pdbx_validate_rmsd_bond.label_alt_id_2 
_pdbx_validate_rmsd_bond.bond_value 
_pdbx_validate_rmsd_bond.bond_target_value 
_pdbx_validate_rmsd_bond.bond_deviation 
_pdbx_validate_rmsd_bond.bond_standard_deviation 
_pdbx_validate_rmsd_bond.linker_flag 
1  1 "C4'" A DG  2  ? ? "C3'" A DG 2  ? ? 1.636 1.529 0.107  0.010 N 
2  1 "C3'" A DG  2  ? ? "C2'" A DG 2  ? ? 1.454 1.516 -0.062 0.008 N 
3  1 "C2'" A DG  2  ? ? "C1'" A DG 2  ? ? 1.646 1.519 0.127  0.010 N 
4  1 "O4'" A DG  2  ? ? "C1'" A DG 2  ? ? 1.502 1.420 0.082  0.011 N 
5  1 "C1'" A DG  2  ? ? N9    A DG 2  ? ? 1.326 1.468 -0.142 0.014 N 
6  1 N1    A DG  2  ? ? C2    A DG 2  ? ? 1.307 1.373 -0.066 0.008 N 
7  1 C2    A DG  2  ? ? N3    A DG 2  ? ? 1.275 1.323 -0.048 0.008 N 
8  1 N7    A DG  2  ? ? C8    A DG 2  ? ? 1.356 1.305 0.051  0.006 N 
9  1 C2    A DG  2  ? ? N2    A DG 2  ? ? 1.251 1.341 -0.090 0.010 N 
10 1 "O3'" A DG  2  ? ? P     A DU 3  ? ? 1.696 1.607 0.089  0.012 Y 
11 1 "C2'" A DU  3  ? ? "C1'" A DU 3  ? ? 1.663 1.519 0.144  0.010 N 
12 1 "O4'" A DA  4  ? ? "C1'" A DA 4  ? ? 1.556 1.420 0.136  0.011 N 
13 1 C4    A DA  4  ? ? C5    A DA 4  ? ? 1.318 1.383 -0.065 0.007 N 
14 1 N7    A DA  4  ? ? C8    A DA 4  ? ? 1.354 1.311 0.043  0.007 N 
15 1 C8    A DA  4  ? ? N9    A DA 4  ? ? 1.302 1.373 -0.071 0.008 N 
16 1 C6    A DA  4  ? ? N6    A DA 4  ? ? 1.412 1.335 0.077  0.008 N 
17 1 P     A DG  6  ? ? "O5'" A DG 6  ? ? 1.676 1.593 0.083  0.010 N 
18 1 "C5'" A DG  6  ? ? "C4'" A DG 6  ? ? 1.594 1.512 0.082  0.007 N 
19 1 "C4'" A DG  6  ? ? "C3'" A DG 6  ? ? 1.413 1.521 -0.108 0.010 N 
20 1 "C3'" A DG  6  ? ? "C2'" A DG 6  ? ? 1.439 1.516 -0.077 0.008 N 
21 1 N1    A DG  6  ? ? C2    A DG 6  ? ? 1.301 1.373 -0.072 0.008 N 
22 1 C2    A DG  6  ? ? N3    A DG 6  ? ? 1.376 1.323 0.053  0.008 N 
23 1 C4    A DG  6  ? ? C5    A DG 6  ? ? 1.316 1.379 -0.063 0.007 N 
24 1 C5    A DG  6  ? ? N7    A DG 6  ? ? 1.444 1.388 0.056  0.006 N 
25 1 C8    A DG  6  ? ? N9    A DG 6  ? ? 1.306 1.374 -0.068 0.007 N 
26 1 "O3'" B 5CM 7  ? ? P     B DG 8  ? ? 1.523 1.607 -0.084 0.012 Y 
27 1 "C4'" B DG  8  ? ? "C3'" B DG 8  ? ? 1.663 1.529 0.134  0.010 N 
28 1 "C3'" B DG  8  ? ? "C2'" B DG 8  ? ? 1.447 1.516 -0.069 0.008 N 
29 1 "C2'" B DG  8  ? ? "C1'" B DG 8  ? ? 1.409 1.518 -0.109 0.010 N 
30 1 "O4'" B DG  8  ? ? "C1'" B DG 8  ? ? 1.503 1.420 0.083  0.011 N 
31 1 N7    B DG  8  ? ? C8    B DG 8  ? ? 1.385 1.305 0.080  0.006 N 
32 1 C8    B DG  8  ? ? N9    B DG 8  ? ? 1.329 1.374 -0.045 0.007 N 
33 1 N9    B DG  8  ? ? C4    B DG 8  ? ? 1.456 1.375 0.081  0.008 N 
34 1 C2    B DG  8  ? ? N2    B DG 8  ? ? 1.265 1.341 -0.076 0.010 N 
35 1 "C5'" B DU  9  ? ? "C4'" B DU 9  ? ? 1.560 1.512 0.048  0.007 N 
36 1 "C2'" B DU  9  ? ? "C1'" B DU 9  ? ? 1.605 1.519 0.086  0.010 N 
37 1 "O3'" B DU  9  ? ? "C3'" B DU 9  ? ? 1.358 1.419 -0.061 0.006 N 
38 1 "C1'" B DU  9  ? ? N1    B DU 9  ? ? 1.607 1.488 0.119  0.013 N 
39 1 N1    B DU  9  ? ? C2    B DU 9  ? ? 1.318 1.381 -0.063 0.009 N 
40 1 P     B DA  10 ? ? OP2   B DA 10 ? ? 1.372 1.485 -0.113 0.017 N 
41 1 P     B DA  10 ? ? "O5'" B DA 10 ? ? 1.681 1.593 0.088  0.010 N 
42 1 "C5'" B DA  10 ? ? "C4'" B DA 10 ? ? 1.429 1.509 -0.080 0.011 N 
43 1 "C1'" B DA  10 ? ? N9    B DA 10 ? ? 1.379 1.468 -0.089 0.014 N 
44 1 C2    B DA  10 ? ? N3    B DA 10 ? ? 1.389 1.331 0.058  0.009 N 
45 1 C6    B DA  10 ? ? N6    B DA 10 ? ? 1.384 1.335 0.049  0.008 N 
46 1 P     B DG  12 ? ? "O5'" B DG 12 ? ? 1.675 1.593 0.082  0.010 N 
47 1 "C3'" B DG  12 ? ? "C2'" B DG 12 ? ? 1.466 1.516 -0.050 0.008 N 
48 1 "O4'" B DG  12 ? ? "C4'" B DG 12 ? ? 1.344 1.446 -0.102 0.010 N 
49 1 "O3'" B DG  12 ? ? "C3'" B DG 12 ? ? 1.320 1.419 -0.099 0.006 N 
50 1 N1    B DG  12 ? ? C2    B DG 12 ? ? 1.309 1.373 -0.064 0.008 N 
51 1 N7    B DG  12 ? ? C8    B DG 12 ? ? 1.355 1.305 0.050  0.006 N 
52 1 C8    B DG  12 ? ? N9    B DG 12 ? ? 1.327 1.374 -0.047 0.007 N 
# 
loop_
_pdbx_validate_rmsd_angle.id 
_pdbx_validate_rmsd_angle.PDB_model_num 
_pdbx_validate_rmsd_angle.auth_atom_id_1 
_pdbx_validate_rmsd_angle.auth_asym_id_1 
_pdbx_validate_rmsd_angle.auth_comp_id_1 
_pdbx_validate_rmsd_angle.auth_seq_id_1 
_pdbx_validate_rmsd_angle.PDB_ins_code_1 
_pdbx_validate_rmsd_angle.label_alt_id_1 
_pdbx_validate_rmsd_angle.auth_atom_id_2 
_pdbx_validate_rmsd_angle.auth_asym_id_2 
_pdbx_validate_rmsd_angle.auth_comp_id_2 
_pdbx_validate_rmsd_angle.auth_seq_id_2 
_pdbx_validate_rmsd_angle.PDB_ins_code_2 
_pdbx_validate_rmsd_angle.label_alt_id_2 
_pdbx_validate_rmsd_angle.auth_atom_id_3 
_pdbx_validate_rmsd_angle.auth_asym_id_3 
_pdbx_validate_rmsd_angle.auth_comp_id_3 
_pdbx_validate_rmsd_angle.auth_seq_id_3 
_pdbx_validate_rmsd_angle.PDB_ins_code_3 
_pdbx_validate_rmsd_angle.label_alt_id_3 
_pdbx_validate_rmsd_angle.angle_value 
_pdbx_validate_rmsd_angle.angle_target_value 
_pdbx_validate_rmsd_angle.angle_deviation 
_pdbx_validate_rmsd_angle.angle_standard_deviation 
_pdbx_validate_rmsd_angle.linker_flag 
1  1 OP1   A DG 2  ? ? P     A DG 2  ? ? OP2   A DG  2  ? ? 136.88 119.60 17.28  1.50 N 
2  1 "O5'" A DG 2  ? ? P     A DG 2  ? ? OP1   A DG  2  ? ? 90.48  105.70 -15.22 0.90 N 
3  1 "O5'" A DG 2  ? ? P     A DG 2  ? ? OP2   A DG  2  ? ? 119.28 110.70 8.58   1.20 N 
4  1 "C4'" A DG 2  ? ? "C3'" A DG 2  ? ? "C2'" A DG  2  ? ? 109.24 103.10 6.14   0.90 N 
5  1 N1    A DG 2  ? ? C2    A DG 2  ? ? N3    A DG  2  ? ? 130.67 123.90 6.77   0.60 N 
6  1 C4    A DG 2  ? ? C5    A DG 2  ? ? N7    A DG  2  ? ? 114.70 110.80 3.90   0.40 N 
7  1 C5    A DG 2  ? ? N7    A DG 2  ? ? C8    A DG  2  ? ? 100.53 104.30 -3.77  0.50 N 
8  1 N3    A DG 2  ? ? C2    A DG 2  ? ? N2    A DG  2  ? ? 111.79 119.90 -8.11  0.70 N 
9  1 C5    A DG 2  ? ? C6    A DG 2  ? ? O6    A DG  2  ? ? 123.97 128.60 -4.63  0.60 N 
10 1 "O3'" A DG 2  ? ? P     A DU 3  ? ? OP1   A DU  3  ? ? 91.46  105.20 -13.74 2.20 Y 
11 1 "O5'" A DU 3  ? ? "C5'" A DU 3  ? ? "C4'" A DU  3  ? ? 91.88  109.40 -17.52 0.80 N 
12 1 "O4'" A DU 3  ? ? "C4'" A DU 3  ? ? "C3'" A DU  3  ? ? 101.72 104.50 -2.78  0.40 N 
13 1 "C4'" A DU 3  ? ? "C3'" A DU 3  ? ? "C2'" A DU  3  ? ? 110.35 103.10 7.25   0.90 N 
14 1 "C3'" A DU 3  ? ? "C2'" A DU 3  ? ? "C1'" A DU  3  ? ? 91.79  102.40 -10.61 0.80 N 
15 1 "O4'" A DU 3  ? ? "C1'" A DU 3  ? ? N1    A DU  3  ? ? 102.55 108.00 -5.45  0.70 N 
16 1 "O5'" A DA 4  ? ? "C5'" A DA 4  ? ? "C4'" A DA  4  ? ? 102.94 109.40 -6.46  0.80 N 
17 1 "C4'" A DA 4  ? ? "C3'" A DA 4  ? ? "O3'" A DA  4  ? ? 94.23  109.70 -15.47 2.50 N 
18 1 "C3'" A DA 4  ? ? "C2'" A DA 4  ? ? "C1'" A DA  4  ? ? 109.90 102.50 7.40   1.20 N 
19 1 "O4'" A DA 4  ? ? "C1'" A DA 4  ? ? "C2'" A DA  4  ? ? 100.77 105.90 -5.13  0.80 N 
20 1 C5    A DA 4  ? ? N7    A DA 4  ? ? C8    A DA  4  ? ? 100.48 103.90 -3.42  0.50 N 
21 1 "O5'" A DG 6  ? ? P     A DG 6  ? ? OP1   A DG  6  ? ? 98.14  105.70 -7.56  0.90 N 
22 1 "O5'" A DG 6  ? ? P     A DG 6  ? ? OP2   A DG  6  ? ? 119.25 110.70 8.55   1.20 N 
23 1 "O5'" A DG 6  ? ? "C5'" A DG 6  ? ? "C4'" A DG  6  ? ? 96.17  109.40 -13.23 0.80 N 
24 1 P     A DG 6  ? ? "O5'" A DG 6  ? ? "C5'" A DG  6  ? ? 108.03 120.90 -12.87 1.60 N 
25 1 "O4'" A DG 6  ? ? "C4'" A DG 6  ? ? "C3'" A DG  6  ? ? 115.35 106.00 9.35   0.60 N 
26 1 "C4'" A DG 6  ? ? "C3'" A DG 6  ? ? "C2'" A DG  6  ? ? 97.70  102.20 -4.50  0.70 N 
27 1 "C3'" A DG 6  ? ? "C2'" A DG 6  ? ? "C1'" A DG  6  ? ? 110.98 102.50 8.48   1.20 N 
28 1 C6    A DG 6  ? ? N1    A DG 6  ? ? C2    A DG  6  ? ? 116.03 125.10 -9.07  0.60 N 
29 1 N1    A DG 6  ? ? C2    A DG 6  ? ? N3    A DG  6  ? ? 130.87 123.90 6.97   0.60 N 
30 1 C2    A DG 6  ? ? N3    A DG 6  ? ? C4    A DG  6  ? ? 106.83 111.90 -5.07  0.50 N 
31 1 C5    A DG 6  ? ? C6    A DG 6  ? ? N1    A DG  6  ? ? 116.46 111.50 4.96   0.50 N 
32 1 C8    A DG 6  ? ? N9    A DG 6  ? ? C4    A DG  6  ? ? 109.82 106.40 3.42   0.40 N 
33 1 N3    A DG 6  ? ? C2    A DG 6  ? ? N2    A DG  6  ? ? 111.08 119.90 -8.82  0.70 N 
34 1 N1    A DG 6  ? ? C6    A DG 6  ? ? O6    A DG  6  ? ? 114.98 119.90 -4.92  0.60 N 
35 1 "O5'" B DG 8  ? ? "C5'" B DG 8  ? ? "C4'" B DG  8  ? ? 98.77  109.40 -10.63 0.80 N 
36 1 "C5'" B DG 8  ? ? "C4'" B DG 8  ? ? "C3'" B DG  8  ? ? 101.16 114.10 -12.94 1.80 N 
37 1 "C5'" B DG 8  ? ? "C4'" B DG 8  ? ? "O4'" B DG  8  ? ? 117.14 109.80 7.34   1.10 N 
38 1 "O4'" B DG 8  ? ? "C1'" B DG 8  ? ? "C2'" B DG  8  ? ? 114.40 106.80 7.60   0.50 N 
39 1 C6    B DG 8  ? ? N1    B DG 8  ? ? C2    B DG  8  ? ? 117.93 125.10 -7.17  0.60 N 
40 1 N1    B DG 8  ? ? C2    B DG 8  ? ? N3    B DG  8  ? ? 128.53 123.90 4.63   0.60 N 
41 1 C5    B DG 8  ? ? C6    B DG 8  ? ? N1    B DG  8  ? ? 117.71 111.50 6.21   0.50 N 
42 1 C4    B DG 8  ? ? C5    B DG 8  ? ? N7    B DG  8  ? ? 115.01 110.80 4.21   0.40 N 
43 1 N9    B DG 8  ? ? C4    B DG 8  ? ? C5    B DG  8  ? ? 101.70 105.40 -3.70  0.40 N 
44 1 N3    B DG 8  ? ? C4    B DG 8  ? ? N9    B DG  8  ? ? 130.94 126.00 4.94   0.60 N 
45 1 N3    B DG 8  ? ? C2    B DG 8  ? ? N2    B DG  8  ? ? 111.78 119.90 -8.12  0.70 N 
46 1 C5    B DG 8  ? ? C6    B DG 8  ? ? O6    B DG  8  ? ? 123.41 128.60 -5.19  0.60 N 
47 1 "C3'" B DG 8  ? ? "O3'" B DG 8  ? ? P     B DU  9  ? ? 129.67 119.70 9.97   1.20 Y 
48 1 OP1   B DU 9  ? ? P     B DU 9  ? ? OP2   B DU  9  ? ? 105.24 119.60 -14.36 1.50 N 
49 1 "O5'" B DU 9  ? ? P     B DU 9  ? ? OP1   B DU  9  ? ? 117.97 110.70 7.27   1.20 N 
50 1 "O5'" B DU 9  ? ? "C5'" B DU 9  ? ? "C4'" B DU  9  ? ? 104.36 109.40 -5.04  0.80 N 
51 1 "O4'" B DU 9  ? ? "C4'" B DU 9  ? ? "C3'" B DU  9  ? ? 101.12 104.50 -3.38  0.40 N 
52 1 "C5'" B DU 9  ? ? "C4'" B DU 9  ? ? "C3'" B DU  9  ? ? 124.46 115.70 8.76   1.20 N 
53 1 "C3'" B DU 9  ? ? "C2'" B DU 9  ? ? "C1'" B DU  9  ? ? 93.73  102.40 -8.67  0.80 N 
54 1 "O4'" B DU 9  ? ? "C1'" B DU 9  ? ? N1    B DU  9  ? ? 102.26 108.00 -5.74  0.70 N 
55 1 C6    B DU 9  ? ? N1    B DU 9  ? ? C2    B DU  9  ? ? 125.84 121.00 4.84   0.60 N 
56 1 C5    B DU 9  ? ? C6    B DU 9  ? ? N1    B DU  9  ? ? 116.26 122.70 -6.44  0.50 N 
57 1 N3    B DU 9  ? ? C4    B DU 9  ? ? O4    B DU  9  ? ? 114.22 119.40 -5.18  0.70 N 
58 1 "C3'" B DU 9  ? ? "O3'" B DU 9  ? ? P     B DA  10 ? ? 128.11 119.70 8.41   1.20 Y 
59 1 "O5'" B DA 10 ? ? P     B DA 10 ? ? OP2   B DA  10 ? ? 98.50  105.70 -7.20  0.90 N 
60 1 "O5'" B DA 10 ? ? "C5'" B DA 10 ? ? "C4'" B DA  10 ? ? 104.37 109.40 -5.03  0.80 N 
61 1 "O4'" B DA 10 ? ? "C4'" B DA 10 ? ? "C3'" B DA  10 ? ? 100.51 104.50 -3.99  0.40 N 
62 1 "C1'" B DA 10 ? ? "O4'" B DA 10 ? ? "C4'" B DA  10 ? ? 119.45 110.30 9.15   0.70 N 
63 1 "C4'" B DA 10 ? ? "C3'" B DA 10 ? ? "C2'" B DA  10 ? ? 111.42 103.10 8.32   0.90 N 
64 1 "O4'" B DA 10 ? ? "C1'" B DA 10 ? ? "C2'" B DA  10 ? ? 101.05 105.90 -4.85  0.80 N 
65 1 "O4'" B DA 10 ? ? "C1'" B DA 10 ? ? N9    B DA  10 ? ? 114.74 108.30 6.44   0.30 N 
66 1 N1    B DA 10 ? ? C2    B DA 10 ? ? N3    B DA  10 ? ? 125.62 129.30 -3.68  0.50 N 
67 1 N9    B DA 10 ? ? C4    B DA 10 ? ? C5    B DA  10 ? ? 102.66 105.80 -3.14  0.40 N 
68 1 N1    B DA 10 ? ? C6    B DA 10 ? ? N6    B DA  10 ? ? 123.38 118.60 4.78   0.60 N 
69 1 C5    B DA 10 ? ? C6    B DA 10 ? ? N6    B DA  10 ? ? 118.60 123.70 -5.10  0.80 N 
70 1 "C3'" B DA 10 ? ? "O3'" B DA 10 ? ? P     B 5CM 11 ? ? 128.41 119.70 8.71   1.20 Y 
71 1 "O5'" B DG 12 ? ? P     B DG 12 ? ? OP1   B DG  12 ? ? 122.08 110.70 11.38  1.20 N 
72 1 "O5'" B DG 12 ? ? P     B DG 12 ? ? OP2   B DG  12 ? ? 89.11  105.70 -16.59 0.90 N 
73 1 "O4'" B DG 12 ? ? "C4'" B DG 12 ? ? "C3'" B DG  12 ? ? 94.67  104.50 -9.83  0.40 N 
74 1 "C5'" B DG 12 ? ? "C4'" B DG 12 ? ? "C3'" B DG  12 ? ? 123.40 115.70 7.70   1.20 N 
75 1 "C4'" B DG 12 ? ? "C3'" B DG 12 ? ? "C2'" B DG  12 ? ? 112.64 103.10 9.54   0.90 N 
76 1 "C3'" B DG 12 ? ? "C2'" B DG 12 ? ? "C1'" B DG  12 ? ? 96.80  102.40 -5.60  0.80 N 
77 1 C6    B DG 12 ? ? N1    B DG 12 ? ? C2    B DG  12 ? ? 112.63 125.10 -12.47 0.60 N 
78 1 N1    B DG 12 ? ? C2    B DG 12 ? ? N3    B DG  12 ? ? 136.92 123.90 13.02  0.60 N 
79 1 N3    B DG 12 ? ? C4    B DG 12 ? ? C5    B DG  12 ? ? 124.38 128.60 -4.22  0.50 N 
80 1 C5    B DG 12 ? ? C6    B DG 12 ? ? N1    B DG  12 ? ? 117.23 111.50 5.73   0.50 N 
81 1 C8    B DG 12 ? ? N9    B DG 12 ? ? C4    B DG  12 ? ? 109.25 106.40 2.85   0.40 N 
82 1 N3    B DG 12 ? ? C4    B DG 12 ? ? N9    B DG  12 ? ? 132.16 126.00 6.16   0.60 N 
83 1 N3    B DG 12 ? ? C2    B DG 12 ? ? N2    B DG  12 ? ? 103.37 119.90 -16.53 0.70 N 
84 1 C5    B DG 12 ? ? C6    B DG 12 ? ? O6    B DG  12 ? ? 121.29 128.60 -7.31  0.60 N 
# 
loop_
_pdbx_struct_mod_residue.id 
_pdbx_struct_mod_residue.label_asym_id 
_pdbx_struct_mod_residue.label_comp_id 
_pdbx_struct_mod_residue.label_seq_id 
_pdbx_struct_mod_residue.auth_asym_id 
_pdbx_struct_mod_residue.auth_comp_id 
_pdbx_struct_mod_residue.auth_seq_id 
_pdbx_struct_mod_residue.PDB_ins_code 
_pdbx_struct_mod_residue.parent_comp_id 
_pdbx_struct_mod_residue.details 
1 A 5CM 1 A 5CM 1  ? DC ? 
2 A 5CM 5 A 5CM 5  ? DC ? 
3 B 5CM 1 B 5CM 7  ? DC ? 
4 B 5CM 5 B 5CM 11 ? DC ? 
# 
loop_
_refine_B_iso.class 
_refine_B_iso.details 
_refine_B_iso.treatment 
_refine_B_iso.pdbx_refine_id 
'ALL ATOMS'  TR isotropic 'X-RAY DIFFRACTION' 
'ALL IONS'   TR isotropic 'X-RAY DIFFRACTION' 
'ALL WATERS' TR isotropic 'X-RAY DIFFRACTION' 
# 
loop_
_refine_occupancy.class 
_refine_occupancy.treatment 
_refine_occupancy.pdbx_refine_id 
'ALL ATOMS'  fix 'X-RAY DIFFRACTION' 
'ALL IONS'   fix 'X-RAY DIFFRACTION' 
'ALL WATERS' fix 'X-RAY DIFFRACTION' 
# 
loop_
_chem_comp_atom.comp_id 
_chem_comp_atom.atom_id 
_chem_comp_atom.type_symbol 
_chem_comp_atom.pdbx_aromatic_flag 
_chem_comp_atom.pdbx_stereo_config 
_chem_comp_atom.pdbx_ordinal 
5CM N1     N  N N 1   
5CM C2     C  N N 2   
5CM N3     N  N N 3   
5CM C4     C  N N 4   
5CM C5     C  N N 5   
5CM C5A    C  N N 6   
5CM C6     C  N N 7   
5CM O2     O  N N 8   
5CM N4     N  N N 9   
5CM "C1'"  C  N R 10  
5CM "C2'"  C  N N 11  
5CM "C3'"  C  N S 12  
5CM "C4'"  C  N R 13  
5CM "O4'"  O  N N 14  
5CM "O3'"  O  N N 15  
5CM "C5'"  C  N N 16  
5CM "O5'"  O  N N 17  
5CM P      P  N N 18  
5CM OP1    O  N N 19  
5CM OP2    O  N N 20  
5CM OP3    O  N N 21  
5CM H5A1   H  N N 22  
5CM H5A2   H  N N 23  
5CM H5A3   H  N N 24  
5CM H6     H  N N 25  
5CM HN41   H  N N 26  
5CM HN42   H  N N 27  
5CM "H1'"  H  N N 28  
5CM "H2'"  H  N N 29  
5CM "H2''" H  N N 30  
5CM "H3'"  H  N N 31  
5CM "H4'"  H  N N 32  
5CM "HO3'" H  N N 33  
5CM "H5'"  H  N N 34  
5CM "H5''" H  N N 35  
5CM HOP2   H  N N 36  
5CM HOP3   H  N N 37  
DA  OP3    O  N N 38  
DA  P      P  N N 39  
DA  OP1    O  N N 40  
DA  OP2    O  N N 41  
DA  "O5'"  O  N N 42  
DA  "C5'"  C  N N 43  
DA  "C4'"  C  N R 44  
DA  "O4'"  O  N N 45  
DA  "C3'"  C  N S 46  
DA  "O3'"  O  N N 47  
DA  "C2'"  C  N N 48  
DA  "C1'"  C  N R 49  
DA  N9     N  Y N 50  
DA  C8     C  Y N 51  
DA  N7     N  Y N 52  
DA  C5     C  Y N 53  
DA  C6     C  Y N 54  
DA  N6     N  N N 55  
DA  N1     N  Y N 56  
DA  C2     C  Y N 57  
DA  N3     N  Y N 58  
DA  C4     C  Y N 59  
DA  HOP3   H  N N 60  
DA  HOP2   H  N N 61  
DA  "H5'"  H  N N 62  
DA  "H5''" H  N N 63  
DA  "H4'"  H  N N 64  
DA  "H3'"  H  N N 65  
DA  "HO3'" H  N N 66  
DA  "H2'"  H  N N 67  
DA  "H2''" H  N N 68  
DA  "H1'"  H  N N 69  
DA  H8     H  N N 70  
DA  H61    H  N N 71  
DA  H62    H  N N 72  
DA  H2     H  N N 73  
DG  OP3    O  N N 74  
DG  P      P  N N 75  
DG  OP1    O  N N 76  
DG  OP2    O  N N 77  
DG  "O5'"  O  N N 78  
DG  "C5'"  C  N N 79  
DG  "C4'"  C  N R 80  
DG  "O4'"  O  N N 81  
DG  "C3'"  C  N S 82  
DG  "O3'"  O  N N 83  
DG  "C2'"  C  N N 84  
DG  "C1'"  C  N R 85  
DG  N9     N  Y N 86  
DG  C8     C  Y N 87  
DG  N7     N  Y N 88  
DG  C5     C  Y N 89  
DG  C6     C  N N 90  
DG  O6     O  N N 91  
DG  N1     N  N N 92  
DG  C2     C  N N 93  
DG  N2     N  N N 94  
DG  N3     N  N N 95  
DG  C4     C  Y N 96  
DG  HOP3   H  N N 97  
DG  HOP2   H  N N 98  
DG  "H5'"  H  N N 99  
DG  "H5''" H  N N 100 
DG  "H4'"  H  N N 101 
DG  "H3'"  H  N N 102 
DG  "HO3'" H  N N 103 
DG  "H2'"  H  N N 104 
DG  "H2''" H  N N 105 
DG  "H1'"  H  N N 106 
DG  H8     H  N N 107 
DG  H1     H  N N 108 
DG  H21    H  N N 109 
DG  H22    H  N N 110 
DU  OP3    O  N N 111 
DU  P      P  N N 112 
DU  OP1    O  N N 113 
DU  OP2    O  N N 114 
DU  "O5'"  O  N N 115 
DU  "C5'"  C  N N 116 
DU  "C4'"  C  N R 117 
DU  "O4'"  O  N N 118 
DU  "C3'"  C  N S 119 
DU  "O3'"  O  N N 120 
DU  "C2'"  C  N N 121 
DU  "C1'"  C  N R 122 
DU  N1     N  N N 123 
DU  C2     C  N N 124 
DU  O2     O  N N 125 
DU  N3     N  N N 126 
DU  C4     C  N N 127 
DU  O4     O  N N 128 
DU  C5     C  N N 129 
DU  C6     C  N N 130 
DU  HOP3   H  N N 131 
DU  HOP2   H  N N 132 
DU  "H5'"  H  N N 133 
DU  "H5''" H  N N 134 
DU  "H4'"  H  N N 135 
DU  "H3'"  H  N N 136 
DU  "HO3'" H  N N 137 
DU  "H2'"  H  N N 138 
DU  "H2''" H  N N 139 
DU  "H1'"  H  N N 140 
DU  H3     H  N N 141 
DU  H5     H  N N 142 
DU  H6     H  N N 143 
HOH O      O  N N 144 
HOH H1     H  N N 145 
HOH H2     H  N N 146 
MG  MG     MG N N 147 
# 
loop_
_chem_comp_bond.comp_id 
_chem_comp_bond.atom_id_1 
_chem_comp_bond.atom_id_2 
_chem_comp_bond.value_order 
_chem_comp_bond.pdbx_aromatic_flag 
_chem_comp_bond.pdbx_stereo_config 
_chem_comp_bond.pdbx_ordinal 
5CM N1    C2     sing N N 1   
5CM N1    C6     sing N N 2   
5CM N1    "C1'"  sing N N 3   
5CM C2    N3     sing N N 4   
5CM C2    O2     doub N N 5   
5CM N3    C4     doub N N 6   
5CM C4    C5     sing N N 7   
5CM C4    N4     sing N N 8   
5CM C5    C5A    sing N N 9   
5CM C5    C6     doub N N 10  
5CM C5A   H5A1   sing N N 11  
5CM C5A   H5A2   sing N N 12  
5CM C5A   H5A3   sing N N 13  
5CM C6    H6     sing N N 14  
5CM N4    HN41   sing N N 15  
5CM N4    HN42   sing N N 16  
5CM "C1'" "C2'"  sing N N 17  
5CM "C1'" "O4'"  sing N N 18  
5CM "C1'" "H1'"  sing N N 19  
5CM "C2'" "C3'"  sing N N 20  
5CM "C2'" "H2'"  sing N N 21  
5CM "C2'" "H2''" sing N N 22  
5CM "C3'" "C4'"  sing N N 23  
5CM "C3'" "O3'"  sing N N 24  
5CM "C3'" "H3'"  sing N N 25  
5CM "C4'" "O4'"  sing N N 26  
5CM "C4'" "C5'"  sing N N 27  
5CM "C4'" "H4'"  sing N N 28  
5CM "O3'" "HO3'" sing N N 29  
5CM "C5'" "O5'"  sing N N 30  
5CM "C5'" "H5'"  sing N N 31  
5CM "C5'" "H5''" sing N N 32  
5CM "O5'" P      sing N N 33  
5CM P     OP1    doub N N 34  
5CM P     OP2    sing N N 35  
5CM P     OP3    sing N N 36  
5CM OP2   HOP2   sing N N 37  
5CM OP3   HOP3   sing N N 38  
DA  OP3   P      sing N N 39  
DA  OP3   HOP3   sing N N 40  
DA  P     OP1    doub N N 41  
DA  P     OP2    sing N N 42  
DA  P     "O5'"  sing N N 43  
DA  OP2   HOP2   sing N N 44  
DA  "O5'" "C5'"  sing N N 45  
DA  "C5'" "C4'"  sing N N 46  
DA  "C5'" "H5'"  sing N N 47  
DA  "C5'" "H5''" sing N N 48  
DA  "C4'" "O4'"  sing N N 49  
DA  "C4'" "C3'"  sing N N 50  
DA  "C4'" "H4'"  sing N N 51  
DA  "O4'" "C1'"  sing N N 52  
DA  "C3'" "O3'"  sing N N 53  
DA  "C3'" "C2'"  sing N N 54  
DA  "C3'" "H3'"  sing N N 55  
DA  "O3'" "HO3'" sing N N 56  
DA  "C2'" "C1'"  sing N N 57  
DA  "C2'" "H2'"  sing N N 58  
DA  "C2'" "H2''" sing N N 59  
DA  "C1'" N9     sing N N 60  
DA  "C1'" "H1'"  sing N N 61  
DA  N9    C8     sing Y N 62  
DA  N9    C4     sing Y N 63  
DA  C8    N7     doub Y N 64  
DA  C8    H8     sing N N 65  
DA  N7    C5     sing Y N 66  
DA  C5    C6     sing Y N 67  
DA  C5    C4     doub Y N 68  
DA  C6    N6     sing N N 69  
DA  C6    N1     doub Y N 70  
DA  N6    H61    sing N N 71  
DA  N6    H62    sing N N 72  
DA  N1    C2     sing Y N 73  
DA  C2    N3     doub Y N 74  
DA  C2    H2     sing N N 75  
DA  N3    C4     sing Y N 76  
DG  OP3   P      sing N N 77  
DG  OP3   HOP3   sing N N 78  
DG  P     OP1    doub N N 79  
DG  P     OP2    sing N N 80  
DG  P     "O5'"  sing N N 81  
DG  OP2   HOP2   sing N N 82  
DG  "O5'" "C5'"  sing N N 83  
DG  "C5'" "C4'"  sing N N 84  
DG  "C5'" "H5'"  sing N N 85  
DG  "C5'" "H5''" sing N N 86  
DG  "C4'" "O4'"  sing N N 87  
DG  "C4'" "C3'"  sing N N 88  
DG  "C4'" "H4'"  sing N N 89  
DG  "O4'" "C1'"  sing N N 90  
DG  "C3'" "O3'"  sing N N 91  
DG  "C3'" "C2'"  sing N N 92  
DG  "C3'" "H3'"  sing N N 93  
DG  "O3'" "HO3'" sing N N 94  
DG  "C2'" "C1'"  sing N N 95  
DG  "C2'" "H2'"  sing N N 96  
DG  "C2'" "H2''" sing N N 97  
DG  "C1'" N9     sing N N 98  
DG  "C1'" "H1'"  sing N N 99  
DG  N9    C8     sing Y N 100 
DG  N9    C4     sing Y N 101 
DG  C8    N7     doub Y N 102 
DG  C8    H8     sing N N 103 
DG  N7    C5     sing Y N 104 
DG  C5    C6     sing N N 105 
DG  C5    C4     doub Y N 106 
DG  C6    O6     doub N N 107 
DG  C6    N1     sing N N 108 
DG  N1    C2     sing N N 109 
DG  N1    H1     sing N N 110 
DG  C2    N2     sing N N 111 
DG  C2    N3     doub N N 112 
DG  N2    H21    sing N N 113 
DG  N2    H22    sing N N 114 
DG  N3    C4     sing N N 115 
DU  OP3   P      sing N N 116 
DU  OP3   HOP3   sing N N 117 
DU  P     OP1    doub N N 118 
DU  P     OP2    sing N N 119 
DU  P     "O5'"  sing N N 120 
DU  OP2   HOP2   sing N N 121 
DU  "O5'" "C5'"  sing N N 122 
DU  "C5'" "C4'"  sing N N 123 
DU  "C5'" "H5'"  sing N N 124 
DU  "C5'" "H5''" sing N N 125 
DU  "C4'" "O4'"  sing N N 126 
DU  "C4'" "C3'"  sing N N 127 
DU  "C4'" "H4'"  sing N N 128 
DU  "O4'" "C1'"  sing N N 129 
DU  "C3'" "O3'"  sing N N 130 
DU  "C3'" "C2'"  sing N N 131 
DU  "C3'" "H3'"  sing N N 132 
DU  "O3'" "HO3'" sing N N 133 
DU  "C2'" "C1'"  sing N N 134 
DU  "C2'" "H2'"  sing N N 135 
DU  "C2'" "H2''" sing N N 136 
DU  "C1'" N1     sing N N 137 
DU  "C1'" "H1'"  sing N N 138 
DU  N1    C2     sing N N 139 
DU  N1    C6     sing N N 140 
DU  C2    O2     doub N N 141 
DU  C2    N3     sing N N 142 
DU  N3    C4     sing N N 143 
DU  N3    H3     sing N N 144 
DU  C4    O4     doub N N 145 
DU  C4    C5     sing N N 146 
DU  C5    C6     doub N N 147 
DU  C5    H5     sing N N 148 
DU  C6    H6     sing N N 149 
HOH O     H1     sing N N 150 
HOH O     H2     sing N N 151 
# 
_ndb_struct_conf_na.entry_id   1D41 
_ndb_struct_conf_na.feature    'z-form double helix' 
# 
loop_
_ndb_struct_na_base_pair.model_number 
_ndb_struct_na_base_pair.i_label_asym_id 
_ndb_struct_na_base_pair.i_label_comp_id 
_ndb_struct_na_base_pair.i_label_seq_id 
_ndb_struct_na_base_pair.i_symmetry 
_ndb_struct_na_base_pair.j_label_asym_id 
_ndb_struct_na_base_pair.j_label_comp_id 
_ndb_struct_na_base_pair.j_label_seq_id 
_ndb_struct_na_base_pair.j_symmetry 
_ndb_struct_na_base_pair.shear 
_ndb_struct_na_base_pair.stretch 
_ndb_struct_na_base_pair.stagger 
_ndb_struct_na_base_pair.buckle 
_ndb_struct_na_base_pair.propeller 
_ndb_struct_na_base_pair.opening 
_ndb_struct_na_base_pair.pair_number 
_ndb_struct_na_base_pair.pair_name 
_ndb_struct_na_base_pair.i_auth_asym_id 
_ndb_struct_na_base_pair.i_auth_seq_id 
_ndb_struct_na_base_pair.i_PDB_ins_code 
_ndb_struct_na_base_pair.j_auth_asym_id 
_ndb_struct_na_base_pair.j_auth_seq_id 
_ndb_struct_na_base_pair.j_PDB_ins_code 
_ndb_struct_na_base_pair.hbond_type_28 
_ndb_struct_na_base_pair.hbond_type_12 
1 A 5CM 1 1_555 B DG  6 1_555 -0.373 -0.194 -0.057 9.603  0.654  1.140  1 A_5CM1:DG12_B A 1 ? B 12 ? 19 1 
1 A DG  2 1_555 B 5CM 5 1_555 0.233  -0.182 0.148  -8.635 5.542  3.792  2 A_DG2:5CM11_B A 2 ? B 11 ? 19 1 
1 A DU  3 1_555 B DA  4 1_555 -0.220 -0.180 0.303  6.575  -7.867 -1.049 3 A_DU3:DA10_B  A 3 ? B 10 ? 20 1 
1 A DA  4 1_555 B DU  3 1_555 0.142  -0.057 -0.014 -6.124 -3.211 2.754  4 A_DA4:DU9_B   A 4 ? B 9  ? 20 1 
1 A 5CM 5 1_555 B DG  2 1_555 -0.350 -0.173 0.026  -0.009 -0.801 -0.128 5 A_5CM5:DG8_B  A 5 ? B 8  ? 19 1 
1 A DG  6 1_555 B 5CM 1 1_555 0.226  -0.127 0.056  -3.364 -2.506 -0.735 6 A_DG6:5CM7_B  A 6 ? B 7  ? 19 1 
# 
loop_
_ndb_struct_na_base_pair_step.model_number 
_ndb_struct_na_base_pair_step.i_label_asym_id_1 
_ndb_struct_na_base_pair_step.i_label_comp_id_1 
_ndb_struct_na_base_pair_step.i_label_seq_id_1 
_ndb_struct_na_base_pair_step.i_symmetry_1 
_ndb_struct_na_base_pair_step.j_label_asym_id_1 
_ndb_struct_na_base_pair_step.j_label_comp_id_1 
_ndb_struct_na_base_pair_step.j_label_seq_id_1 
_ndb_struct_na_base_pair_step.j_symmetry_1 
_ndb_struct_na_base_pair_step.i_label_asym_id_2 
_ndb_struct_na_base_pair_step.i_label_comp_id_2 
_ndb_struct_na_base_pair_step.i_label_seq_id_2 
_ndb_struct_na_base_pair_step.i_symmetry_2 
_ndb_struct_na_base_pair_step.j_label_asym_id_2 
_ndb_struct_na_base_pair_step.j_label_comp_id_2 
_ndb_struct_na_base_pair_step.j_label_seq_id_2 
_ndb_struct_na_base_pair_step.j_symmetry_2 
_ndb_struct_na_base_pair_step.shift 
_ndb_struct_na_base_pair_step.slide 
_ndb_struct_na_base_pair_step.rise 
_ndb_struct_na_base_pair_step.tilt 
_ndb_struct_na_base_pair_step.roll 
_ndb_struct_na_base_pair_step.twist 
_ndb_struct_na_base_pair_step.x_displacement 
_ndb_struct_na_base_pair_step.y_displacement 
_ndb_struct_na_base_pair_step.helical_rise 
_ndb_struct_na_base_pair_step.inclination 
_ndb_struct_na_base_pair_step.tip 
_ndb_struct_na_base_pair_step.helical_twist 
_ndb_struct_na_base_pair_step.step_number 
_ndb_struct_na_base_pair_step.step_name 
_ndb_struct_na_base_pair_step.i_auth_asym_id_1 
_ndb_struct_na_base_pair_step.i_auth_seq_id_1 
_ndb_struct_na_base_pair_step.i_PDB_ins_code_1 
_ndb_struct_na_base_pair_step.j_auth_asym_id_1 
_ndb_struct_na_base_pair_step.j_auth_seq_id_1 
_ndb_struct_na_base_pair_step.j_PDB_ins_code_1 
_ndb_struct_na_base_pair_step.i_auth_asym_id_2 
_ndb_struct_na_base_pair_step.i_auth_seq_id_2 
_ndb_struct_na_base_pair_step.i_PDB_ins_code_2 
_ndb_struct_na_base_pair_step.j_auth_asym_id_2 
_ndb_struct_na_base_pair_step.j_auth_seq_id_2 
_ndb_struct_na_base_pair_step.j_PDB_ins_code_2 
1 A 5CM 1 1_555 B DG  6 1_555 A DG  2 1_555 B 5CM 5 1_555 0.188  5.702  4.068 1.678  0.085  -11.575 -28.124 3.752  3.958 -0.418 
8.261   -11.696 1 AA_5CM1DG2:5CM11DG12_BB A 1 ? B 12 ? A 2 ? B 11 ? 
1 A DG  2 1_555 B 5CM 5 1_555 A DU  3 1_555 B DA  4 1_555 -0.174 -0.627 3.227 -1.901 0.256  -46.887 0.767   -0.373 3.221 -0.322 
-2.389  -46.924 2 AA_DG2DU3:DA105CM11_BB  A 2 ? B 11 ? A 3 ? B 10 ? 
1 A DU  3 1_555 B DA  4 1_555 A DA  4 1_555 B DU  3 1_555 0.309  5.254  3.873 2.250  -9.946 -12.025 -6.039  4.097  6.221 39.429 
8.919   -15.754 3 AA_DU3DA4:DU9DA10_BB    A 3 ? B 10 ? A 4 ? B 9  ? 
1 A DA  4 1_555 B DU  3 1_555 A 5CM 5 1_555 B DG  2 1_555 -0.279 -1.142 3.409 0.258  -1.165 -48.444 1.484   -0.320 3.384 1.419  
0.314   -48.458 4 AA_DA45CM5:DG8DU9_BB    A 4 ? B 9  ? A 5 ? B 8  ? 
1 A 5CM 5 1_555 B DG  2 1_555 A DG  6 1_555 B 5CM 1 1_555 0.000  5.551  3.558 -2.702 -0.295 -14.031 -22.017 -2.735 3.608 1.192  
-10.928 -14.290 5 AA_5CM5DG6:5CM7DG8_BB   A 5 ? B 8  ? A 6 ? B 7  ? 
# 
_pdbx_initial_refinement_model.accession_code   1VTW 
_pdbx_initial_refinement_model.id               1 
_pdbx_initial_refinement_model.entity_id_list   ? 
_pdbx_initial_refinement_model.type             'experimental model' 
_pdbx_initial_refinement_model.source_name      PDB 
_pdbx_initial_refinement_model.details          
'ZDFB06 IN WHICH THE METHYL GROUPS OF THE THYMINE BASES WERE REMOVED FROM THE C5 POSITIONS.' 
# 
_atom_sites.entry_id                    1D41 
_atom_sites.fract_transf_matrix[1][1]   0.00804480 
_atom_sites.fract_transf_matrix[1][2]   -0.04733666 
_atom_sites.fract_transf_matrix[1][3]   0.02904548 
_atom_sites.fract_transf_matrix[2][1]   -0.01921030 
_atom_sites.fract_transf_matrix[2][2]   0.01148966 
_atom_sites.fract_transf_matrix[2][3]   0.02404591 
_atom_sites.fract_transf_matrix[3][1]   -0.01793465 
_atom_sites.fract_transf_matrix[3][2]   -0.00915531 
_atom_sites.fract_transf_matrix[3][3]   -0.00995340 
_atom_sites.fract_transf_vector[1]      0.797245 
_atom_sites.fract_transf_vector[2]      0.504126 
_atom_sites.fract_transf_vector[3]      0.633317 
# 
loop_
_atom_type.symbol 
C  
MG 
N  
O  
P  
# 
loop_
_atom_site.group_PDB 
_atom_site.id 
_atom_site.type_symbol 
_atom_site.label_atom_id 
_atom_site.label_alt_id 
_atom_site.label_comp_id 
_atom_site.label_asym_id 
_atom_site.label_entity_id 
_atom_site.label_seq_id 
_atom_site.pdbx_PDB_ins_code 
_atom_site.Cartn_x 
_atom_site.Cartn_y 
_atom_site.Cartn_z 
_atom_site.occupancy 
_atom_site.B_iso_or_equiv 
_atom_site.pdbx_formal_charge 
_atom_site.auth_seq_id 
_atom_site.auth_comp_id 
_atom_site.auth_asym_id 
_atom_site.auth_atom_id 
_atom_site.pdbx_PDB_model_num 
HETATM 1   N  N1    . 5CM A 1 1 ? 6.048   3.713   6.488   1.00 5.29  ? 1  5CM A N1    1 
HETATM 2   C  C2    . 5CM A 1 1 ? 6.143   4.874   5.719   1.00 5.46  ? 1  5CM A C2    1 
HETATM 3   N  N3    . 5CM A 1 1 ? 5.467   5.923   6.189   1.00 6.23  ? 1  5CM A N3    1 
HETATM 4   C  C4    . 5CM A 1 1 ? 4.748   5.865   7.401   1.00 5.07  ? 1  5CM A C4    1 
HETATM 5   C  C5    . 5CM A 1 1 ? 4.598   4.652   8.147   1.00 5.64  ? 1  5CM A C5    1 
HETATM 6   C  C5A   . 5CM A 1 1 ? 3.758   4.640   9.375   1.00 5.20  ? 1  5CM A C5A   1 
HETATM 7   C  C6    . 5CM A 1 1 ? 5.266   3.643   7.592   1.00 6.05  ? 1  5CM A C6    1 
HETATM 8   O  O2    . 5CM A 1 1 ? 6.814   5.025   4.672   1.00 5.70  ? 1  5CM A O2    1 
HETATM 9   N  N4    . 5CM A 1 1 ? 4.077   7.011   7.814   1.00 6.31  ? 1  5CM A N4    1 
HETATM 10  C  "C1'" . 5CM A 1 1 ? 6.721   2.522   5.908   1.00 6.78  ? 1  5CM A "C1'" 1 
HETATM 11  C  "C2'" . 5CM A 1 1 ? 8.187   2.564   6.397   1.00 7.98  ? 1  5CM A "C2'" 1 
HETATM 12  C  "C3'" . 5CM A 1 1 ? 8.431   1.001   6.149   1.00 9.97  ? 1  5CM A "C3'" 1 
HETATM 13  C  "C4'" . 5CM A 1 1 ? 7.188   0.241   6.483   1.00 8.88  ? 1  5CM A "C4'" 1 
HETATM 14  O  "O4'" . 5CM A 1 1 ? 6.141   1.369   6.301   1.00 8.12  ? 1  5CM A "O4'" 1 
HETATM 15  O  "O3'" . 5CM A 1 1 ? 8.790   0.811   4.813   1.00 12.29 ? 1  5CM A "O3'" 1 
HETATM 16  C  "C5'" . 5CM A 1 1 ? 7.017   -0.373  7.840   1.00 9.20  ? 1  5CM A "C5'" 1 
HETATM 17  O  "O5'" . 5CM A 1 1 ? 7.015   0.609   8.898   1.00 8.45  ? 1  5CM A "O5'" 1 
ATOM   18  P  P     . DG  A 1 2 ? 9.779   -0.449  4.447   1.00 14.02 ? 2  DG  A P     1 
ATOM   19  O  OP1   . DG  A 1 2 ? 10.528  -0.681  5.596   1.00 10.92 ? 2  DG  A OP1   1 
ATOM   20  O  OP2   . DG  A 1 2 ? 10.043  -0.028  3.047   1.00 13.54 ? 2  DG  A OP2   1 
ATOM   21  O  "O5'" . DG  A 1 2 ? 8.936   -1.764  4.715   1.00 9.87  ? 2  DG  A "O5'" 1 
ATOM   22  C  "C5'" . DG  A 1 2 ? 8.058   -2.067  3.740   1.00 10.91 ? 2  DG  A "C5'" 1 
ATOM   23  C  "C4'" . DG  A 1 2 ? 7.577   -3.411  4.041   1.00 12.27 ? 2  DG  A "C4'" 1 
ATOM   24  O  "O4'" . DG  A 1 2 ? 6.888   -3.187  5.257   1.00 9.94  ? 2  DG  A "O4'" 1 
ATOM   25  C  "C3'" . DG  A 1 2 ? 6.373   -3.650  2.959   1.00 13.10 ? 2  DG  A "C3'" 1 
ATOM   26  O  "O3'" . DG  A 1 2 ? 6.969   -4.453  1.954   1.00 15.32 ? 2  DG  A "O3'" 1 
ATOM   27  C  "C2'" . DG  A 1 2 ? 5.241   -4.270  3.630   1.00 10.61 ? 2  DG  A "C2'" 1 
ATOM   28  C  "C1'" . DG  A 1 2 ? 5.501   -3.756  5.172   1.00 10.42 ? 2  DG  A "C1'" 1 
ATOM   29  N  N9    . DG  A 1 2 ? 4.677   -2.862  5.701   1.00 9.80  ? 2  DG  A N9    1 
ATOM   30  C  C8    . DG  A 1 2 ? 4.035   -3.001  6.877   1.00 8.38  ? 2  DG  A C8    1 
ATOM   31  N  N7    . DG  A 1 2 ? 3.225   -1.965  7.206   1.00 8.95  ? 2  DG  A N7    1 
ATOM   32  C  C5    . DG  A 1 2 ? 3.530   -1.067  6.182   1.00 9.00  ? 2  DG  A C5    1 
ATOM   33  C  C6    . DG  A 1 2 ? 2.982   0.263   5.938   1.00 8.55  ? 2  DG  A C6    1 
ATOM   34  O  O6    . DG  A 1 2 ? 2.223   0.872   6.743   1.00 7.98  ? 2  DG  A O6    1 
ATOM   35  N  N1    . DG  A 1 2 ? 3.467   0.845   4.818   1.00 7.11  ? 2  DG  A N1    1 
ATOM   36  C  C2    . DG  A 1 2 ? 4.337   0.244   4.050   1.00 7.81  ? 2  DG  A C2    1 
ATOM   37  N  N2    . DG  A 1 2 ? 4.733   0.859   3.035   1.00 6.16  ? 2  DG  A N2    1 
ATOM   38  N  N3    . DG  A 1 2 ? 4.841   -0.924  4.122   1.00 10.07 ? 2  DG  A N3    1 
ATOM   39  C  C4    . DG  A 1 2 ? 4.397   -1.542  5.252   1.00 8.31  ? 2  DG  A C4    1 
ATOM   40  P  P     . DU  A 1 3 ? 6.937   -4.044  0.308   1.00 20.73 ? 3  DU  A P     1 
ATOM   41  O  OP1   . DU  A 1 3 ? 7.481   -5.426  -0.086  1.00 19.95 ? 3  DU  A OP1   1 
ATOM   42  O  OP2   . DU  A 1 3 ? 7.928   -2.903  0.366   1.00 18.04 ? 3  DU  A OP2   1 
ATOM   43  O  "O5'" . DU  A 1 3 ? 5.477   -3.646  -0.250  1.00 15.72 ? 3  DU  A "O5'" 1 
ATOM   44  C  "C5'" . DU  A 1 3 ? 5.203   -3.938  -1.638  1.00 13.22 ? 3  DU  A "C5'" 1 
ATOM   45  C  "C4'" . DU  A 1 3 ? 4.304   -2.742  -1.764  1.00 10.88 ? 3  DU  A "C4'" 1 
ATOM   46  O  "O4'" . DU  A 1 3 ? 3.207   -2.680  -0.833  1.00 9.53  ? 3  DU  A "O4'" 1 
ATOM   47  C  "C3'" . DU  A 1 3 ? 5.076   -1.478  -1.416  1.00 11.62 ? 3  DU  A "C3'" 1 
ATOM   48  O  "O3'" . DU  A 1 3 ? 4.868   -0.705  -2.585  1.00 13.79 ? 3  DU  A "O3'" 1 
ATOM   49  C  "C2'" . DU  A 1 3 ? 4.570   -0.890  -0.080  1.00 9.53  ? 3  DU  A "C2'" 1 
ATOM   50  C  "C1'" . DU  A 1 3 ? 3.022   -1.420  -0.373  1.00 7.53  ? 3  DU  A "C1'" 1 
ATOM   51  N  N1    . DU  A 1 3 ? 2.375   -1.654  0.971   1.00 8.10  ? 3  DU  A N1    1 
ATOM   52  C  C2    . DU  A 1 3 ? 1.679   -0.597  1.434   1.00 6.72  ? 3  DU  A C2    1 
ATOM   53  O  O2    . DU  A 1 3 ? 1.602   0.483   0.804   1.00 9.98  ? 3  DU  A O2    1 
ATOM   54  N  N3    . DU  A 1 3 ? 1.129   -0.681  2.666   1.00 6.87  ? 3  DU  A N3    1 
ATOM   55  C  C4    . DU  A 1 3 ? 1.110   -1.795  3.408   1.00 5.14  ? 3  DU  A C4    1 
ATOM   56  O  O4    . DU  A 1 3 ? 0.581   -1.747  4.568   1.00 5.85  ? 3  DU  A O4    1 
ATOM   57  C  C5    . DU  A 1 3 ? 1.852   -2.885  2.944   1.00 7.52  ? 3  DU  A C5    1 
ATOM   58  C  C6    . DU  A 1 3 ? 2.410   -2.801  1.730   1.00 7.58  ? 3  DU  A C6    1 
ATOM   59  P  P     . DA  A 1 4 ? 5.905   -0.873  -3.886  1.00 15.81 ? 4  DA  A P     1 
ATOM   60  O  OP1   . DA  A 1 4 ? 7.159   -1.418  -3.503  1.00 15.38 ? 4  DA  A OP1   1 
ATOM   61  O  OP2   . DA  A 1 4 ? 5.933   0.494   -4.389  1.00 15.91 ? 4  DA  A OP2   1 
ATOM   62  O  "O5'" . DA  A 1 4 ? 5.339   -2.006  -4.880  1.00 14.95 ? 4  DA  A "O5'" 1 
ATOM   63  C  "C5'" . DA  A 1 4 ? 3.965   -1.946  -5.356  1.00 10.88 ? 4  DA  A "C5'" 1 
ATOM   64  C  "C4'" . DA  A 1 4 ? 3.807   -3.231  -6.081  1.00 9.97  ? 4  DA  A "C4'" 1 
ATOM   65  O  "O4'" . DA  A 1 4 ? 4.058   -4.230  -5.147  1.00 8.54  ? 4  DA  A "O4'" 1 
ATOM   66  C  "C3'" . DA  A 1 4 ? 2.373   -3.439  -6.577  1.00 8.81  ? 4  DA  A "C3'" 1 
ATOM   67  O  "O3'" . DA  A 1 4 ? 2.613   -2.797  -7.878  1.00 10.76 ? 4  DA  A "O3'" 1 
ATOM   68  C  "C2'" . DA  A 1 4 ? 2.128   -4.896  -6.360  1.00 8.40  ? 4  DA  A "C2'" 1 
ATOM   69  C  "C1'" . DA  A 1 4 ? 3.075   -5.428  -5.287  1.00 8.45  ? 4  DA  A "C1'" 1 
ATOM   70  N  N9    . DA  A 1 4 ? 2.553   -5.640  -3.978  1.00 6.75  ? 4  DA  A N9    1 
ATOM   71  C  C8    . DA  A 1 4 ? 2.814   -6.665  -3.220  1.00 6.72  ? 4  DA  A C8    1 
ATOM   72  N  N7    . DA  A 1 4 ? 2.200   -6.637  -2.013  1.00 7.53  ? 4  DA  A N7    1 
ATOM   73  C  C5    . DA  A 1 4 ? 1.540   -5.445  -2.098  1.00 6.43  ? 4  DA  A C5    1 
ATOM   74  C  C6    . DA  A 1 4 ? 0.708   -4.780  -1.104  1.00 6.15  ? 4  DA  A C6    1 
ATOM   75  N  N6    . DA  A 1 4 ? 0.562   -5.346  0.182   1.00 6.88  ? 4  DA  A N6    1 
ATOM   76  N  N1    . DA  A 1 4 ? 0.166   -3.622  -1.390  1.00 6.29  ? 4  DA  A N1    1 
ATOM   77  C  C2    . DA  A 1 4 ? 0.411   -3.094  -2.602  1.00 5.08  ? 4  DA  A C2    1 
ATOM   78  N  N3    . DA  A 1 4 ? 1.161   -3.622  -3.581  1.00 6.31  ? 4  DA  A N3    1 
ATOM   79  C  C4    . DA  A 1 4 ? 1.715   -4.831  -3.251  1.00 7.45  ? 4  DA  A C4    1 
HETATM 80  N  N1    . 5CM A 1 5 ? -2.416  -3.799  -4.946  1.00 2.00  ? 5  5CM A N1    1 
HETATM 81  C  C2    . 5CM A 1 5 ? -2.988  -3.688  -3.717  1.00 2.00  ? 5  5CM A C2    1 
HETATM 82  N  N3    . 5CM A 1 5 ? -2.817  -4.784  -2.920  1.00 2.00  ? 5  5CM A N3    1 
HETATM 83  C  C4    . 5CM A 1 5 ? -2.001  -5.853  -3.255  1.00 2.00  ? 5  5CM A C4    1 
HETATM 84  C  C5    . 5CM A 1 5 ? -1.487  -5.867  -4.576  1.00 2.00  ? 5  5CM A C5    1 
HETATM 85  C  C5A   . 5CM A 1 5 ? -0.661  -7.076  -5.035  1.00 2.59  ? 5  5CM A C5A   1 
HETATM 86  C  C6    . 5CM A 1 5 ? -1.696  -4.858  -5.399  1.00 2.00  ? 5  5CM A C6    1 
HETATM 87  O  O2    . 5CM A 1 5 ? -3.671  -2.790  -3.373  1.00 3.83  ? 5  5CM A O2    1 
HETATM 88  N  N4    . 5CM A 1 5 ? -1.884  -6.833  -2.328  1.00 2.00  ? 5  5CM A N4    1 
HETATM 89  C  "C1'" . 5CM A 1 5 ? -2.637  -2.627  -5.904  1.00 3.54  ? 5  5CM A "C1'" 1 
HETATM 90  C  "C2'" . 5CM A 1 5 ? -1.710  -1.437  -5.574  1.00 4.89  ? 5  5CM A "C2'" 1 
HETATM 91  C  "C3'" . 5CM A 1 5 ? -1.830  -0.817  -6.896  1.00 6.93  ? 5  5CM A "C3'" 1 
HETATM 92  C  "C4'" . 5CM A 1 5 ? -2.222  -1.768  -8.071  1.00 6.20  ? 5  5CM A "C4'" 1 
HETATM 93  O  "O4'" . 5CM A 1 5 ? -2.420  -2.927  -7.245  1.00 4.24  ? 5  5CM A "O4'" 1 
HETATM 94  O  "O3'" . 5CM A 1 5 ? -2.935  0.131   -6.729  1.00 10.54 ? 5  5CM A "O3'" 1 
HETATM 95  C  "C5'" . 5CM A 1 5 ? -1.172  -2.175  -9.098  1.00 7.21  ? 5  5CM A "C5'" 1 
HETATM 96  O  "O5'" . 5CM A 1 5 ? -0.029  -2.406  -8.116  1.00 10.54 ? 5  5CM A "O5'" 1 
HETATM 97  P  P     . 5CM A 1 5 ? 1.363   -2.786  -8.900  1.00 12.97 ? 5  5CM A P     1 
HETATM 98  O  OP1   . 5CM A 1 5 ? 1.183   -4.204  -9.001  1.00 16.02 ? 5  5CM A OP1   1 
HETATM 99  O  OP2   . 5CM A 1 5 ? 1.803   -1.781  -9.928  1.00 14.50 ? 5  5CM A OP2   1 
ATOM   100 P  P     . DG  A 1 6 ? -2.907  1.513   -7.566  1.00 11.67 ? 6  DG  A P     1 
ATOM   101 O  OP1   . DG  A 1 6 ? -1.608  2.047   -7.616  1.00 11.60 ? 6  DG  A OP1   1 
ATOM   102 O  OP2   . DG  A 1 6 ? -4.077  2.213   -6.904  1.00 12.49 ? 6  DG  A OP2   1 
ATOM   103 O  "O5'" . DG  A 1 6 ? -3.033  1.047   -9.171  1.00 11.36 ? 6  DG  A "O5'" 1 
ATOM   104 C  "C5'" . DG  A 1 6 ? -4.408  0.569   -9.401  1.00 9.43  ? 6  DG  A "C5'" 1 
ATOM   105 C  "C4'" . DG  A 1 6 ? -4.314  0.536   -10.992 1.00 9.66  ? 6  DG  A "C4'" 1 
ATOM   106 O  "O4'" . DG  A 1 6 ? -3.554  -0.629  -11.232 1.00 9.15  ? 6  DG  A "O4'" 1 
ATOM   107 C  "C3'" . DG  A 1 6 ? -5.654  0.486   -11.438 1.00 8.50  ? 6  DG  A "C3'" 1 
ATOM   108 O  "O3'" . DG  A 1 6 ? -5.697  0.844   -12.860 1.00 11.06 ? 6  DG  A "O3'" 1 
ATOM   109 C  "C2'" . DG  A 1 6 ? -5.779  -0.945  -11.516 1.00 6.81  ? 6  DG  A "C2'" 1 
ATOM   110 C  "C1'" . DG  A 1 6 ? -4.441  -1.589  -11.729 1.00 6.56  ? 6  DG  A "C1'" 1 
ATOM   111 N  N9    . DG  A 1 6 ? -4.123  -2.870  -11.051 1.00 5.93  ? 6  DG  A N9    1 
ATOM   112 C  C8    . DG  A 1 6 ? -3.299  -3.724  -11.595 1.00 4.61  ? 6  DG  A C8    1 
ATOM   113 N  N7    . DG  A 1 6 ? -3.171  -4.818  -10.858 1.00 4.59  ? 6  DG  A N7    1 
ATOM   114 C  C5    . DG  A 1 6 ? -3.966  -4.518  -9.691  1.00 4.93  ? 6  DG  A C5    1 
ATOM   115 C  C6    . DG  A 1 6 ? -4.139  -5.243  -8.498  1.00 4.74  ? 6  DG  A C6    1 
ATOM   116 O  O6    . DG  A 1 6 ? -3.597  -6.335  -8.151  1.00 4.99  ? 6  DG  A O6    1 
ATOM   117 N  N1    . DG  A 1 6 ? -5.025  -4.708  -7.572  1.00 5.00  ? 6  DG  A N1    1 
ATOM   118 C  C2    . DG  A 1 6 ? -5.407  -3.483  -7.788  1.00 4.98  ? 6  DG  A C2    1 
ATOM   119 N  N2    . DG  A 1 6 ? -6.199  -2.966  -6.890  1.00 3.50  ? 6  DG  A N2    1 
ATOM   120 N  N3    . DG  A 1 6 ? -5.406  -2.731  -8.940  1.00 5.57  ? 6  DG  A N3    1 
ATOM   121 C  C4    . DG  A 1 6 ? -4.535  -3.338  -9.812  1.00 5.08  ? 6  DG  A C4    1 
HETATM 122 N  N1    . 5CM B 1 1 ? -6.269  -5.901  -2.894  1.00 3.58  ? 7  5CM B N1    1 
HETATM 123 C  C2    . 5CM B 1 1 ? -6.129  -5.286  -4.164  1.00 4.76  ? 7  5CM B C2    1 
HETATM 124 N  N3    . 5CM B 1 1 ? -5.345  -6.008  -5.050  1.00 4.11  ? 7  5CM B N3    1 
HETATM 125 C  C4    . 5CM B 1 1 ? -4.820  -7.225  -4.761  1.00 4.52  ? 7  5CM B C4    1 
HETATM 126 C  C5    . 5CM B 1 1 ? -5.068  -7.851  -3.518  1.00 4.28  ? 7  5CM B C5    1 
HETATM 127 C  C5A   . 5CM B 1 1 ? -4.391  -9.133  -3.148  1.00 3.85  ? 7  5CM B C5A   1 
HETATM 128 C  C6    . 5CM B 1 1 ? -5.844  -7.174  -2.656  1.00 4.53  ? 7  5CM B C6    1 
HETATM 129 O  O2    . 5CM B 1 1 ? -6.614  -4.218  -4.515  1.00 6.13  ? 7  5CM B O2    1 
HETATM 130 N  N4    . 5CM B 1 1 ? -4.098  -7.844  -5.707  1.00 5.62  ? 7  5CM B N4    1 
HETATM 131 C  "C1'" . 5CM B 1 1 ? -7.191  -5.045  -2.012  1.00 5.51  ? 7  5CM B "C1'" 1 
HETATM 132 C  "C2'" . 5CM B 1 1 ? -8.601  -5.417  -2.132  1.00 3.40  ? 7  5CM B "C2'" 1 
HETATM 133 C  "C3'" . 5CM B 1 1 ? -9.144  -4.992  -0.670  1.00 5.75  ? 7  5CM B "C3'" 1 
HETATM 134 C  "C4'" . 5CM B 1 1 ? -8.041  -5.332  0.296   1.00 6.43  ? 7  5CM B "C4'" 1 
HETATM 135 O  "O4'" . 5CM B 1 1 ? -6.960  -5.493  -0.700  1.00 6.57  ? 7  5CM B "O4'" 1 
HETATM 136 O  "O3'" . 5CM B 1 1 ? -9.480  -3.652  -0.743  1.00 6.05  ? 7  5CM B "O3'" 1 
HETATM 137 C  "C5'" . 5CM B 1 1 ? -8.149  -6.546  1.247   1.00 6.80  ? 7  5CM B "C5'" 1 
HETATM 138 O  "O5'" . 5CM B 1 1 ? -8.500  -7.720  0.495   1.00 8.42  ? 7  5CM B "O5'" 1 
ATOM   139 P  P     . DG  B 1 2 ? -10.373 -2.921  0.250   1.00 7.88  ? 8  DG  B P     1 
ATOM   140 O  OP1   . DG  B 1 2 ? -11.546 -3.742  0.352   1.00 8.78  ? 8  DG  B OP1   1 
ATOM   141 O  OP2   . DG  B 1 2 ? -10.583 -1.641  -0.294  1.00 9.20  ? 8  DG  B OP2   1 
ATOM   142 O  "O5'" . DG  B 1 2 ? -9.660  -2.628  1.670   1.00 6.88  ? 8  DG  B "O5'" 1 
ATOM   143 C  "C5'" . DG  B 1 2 ? -8.516  -1.796  1.758   1.00 5.62  ? 8  DG  B "C5'" 1 
ATOM   144 C  "C4'" . DG  B 1 2 ? -8.097  -2.127  3.189   1.00 5.23  ? 8  DG  B "C4'" 1 
ATOM   145 O  "O4'" . DG  B 1 2 ? -7.760  -3.450  3.461   1.00 3.49  ? 8  DG  B "O4'" 1 
ATOM   146 C  "C3'" . DG  B 1 2 ? -6.691  -1.249  3.323   1.00 4.48  ? 8  DG  B "C3'" 1 
ATOM   147 O  "O3'" . DG  B 1 2 ? -7.207  -0.042  3.846   1.00 8.66  ? 8  DG  B "O3'" 1 
ATOM   148 C  "C2'" . DG  B 1 2 ? -5.878  -2.067  4.196   1.00 4.62  ? 8  DG  B "C2'" 1 
ATOM   149 C  "C1'" . DG  B 1 2 ? -6.397  -3.373  4.090   1.00 4.60  ? 8  DG  B "C1'" 1 
ATOM   150 N  N9    . DG  B 1 2 ? -5.617  -4.335  3.419   1.00 4.54  ? 8  DG  B N9    1 
ATOM   151 C  C8    . DG  B 1 2 ? -5.192  -5.515  3.859   1.00 4.77  ? 8  DG  B C8    1 
ATOM   152 N  N7    . DG  B 1 2 ? -4.494  -6.193  2.873   1.00 3.80  ? 8  DG  B N7    1 
ATOM   153 C  C5    . DG  B 1 2 ? -4.435  -5.279  1.852   1.00 4.62  ? 8  DG  B C5    1 
ATOM   154 C  C6    . DG  B 1 2 ? -3.837  -5.468  0.559   1.00 4.84  ? 8  DG  B C6    1 
ATOM   155 O  O6    . DG  B 1 2 ? -3.112  -6.463  0.265   1.00 3.80  ? 8  DG  B O6    1 
ATOM   156 N  N1    . DG  B 1 2 ? -3.963  -4.470  -0.343  1.00 4.17  ? 8  DG  B N1    1 
ATOM   157 C  C2    . DG  B 1 2 ? -4.710  -3.385  0.005   1.00 4.72  ? 8  DG  B C2    1 
ATOM   158 N  N2    . DG  B 1 2 ? -4.860  -2.439  -0.820  1.00 3.50  ? 8  DG  B N2    1 
ATOM   159 N  N3    . DG  B 1 2 ? -5.313  -3.121  1.188   1.00 4.76  ? 8  DG  B N3    1 
ATOM   160 C  C4    . DG  B 1 2 ? -5.166  -4.160  2.045   1.00 5.38  ? 8  DG  B C4    1 
ATOM   161 P  P     . DU  B 1 3 ? -7.133  1.416   3.264   1.00 5.97  ? 9  DU  B P     1 
ATOM   162 O  OP1   . DU  B 1 3 ? -7.851  2.368   4.217   1.00 9.50  ? 9  DU  B OP1   1 
ATOM   163 O  OP2   . DU  B 1 3 ? -7.844  1.488   2.072   1.00 10.28 ? 9  DU  B OP2   1 
ATOM   164 O  "O5'" . DU  B 1 3 ? -5.604  1.631   3.028   1.00 6.64  ? 9  DU  B "O5'" 1 
ATOM   165 C  "C5'" . DU  B 1 3 ? -4.884  2.774   3.124   1.00 6.38  ? 9  DU  B "C5'" 1 
ATOM   166 C  "C4'" . DU  B 1 3 ? -4.054  2.820   1.804   1.00 6.91  ? 9  DU  B "C4'" 1 
ATOM   167 O  "O4'" . DU  B 1 3 ? -2.917  1.871   1.871   1.00 6.85  ? 9  DU  B "O4'" 1 
ATOM   168 C  "C3'" . DU  B 1 3 ? -4.620  2.507   0.407   1.00 7.07  ? 9  DU  B "C3'" 1 
ATOM   169 O  "O3'" . DU  B 1 3 ? -4.061  3.378   -0.472  1.00 7.61  ? 9  DU  B "O3'" 1 
ATOM   170 C  "C2'" . DU  B 1 3 ? -4.260  1.064   0.090   1.00 6.46  ? 9  DU  B "C2'" 1 
ATOM   171 C  "C1'" . DU  B 1 3 ? -2.784  1.187   0.707   1.00 8.58  ? 9  DU  B "C1'" 1 
ATOM   172 N  N1    . DU  B 1 3 ? -2.397  -0.286  1.218   1.00 7.69  ? 9  DU  B N1    1 
ATOM   173 C  C2    . DU  B 1 3 ? -1.719  -0.942  0.298   1.00 6.90  ? 9  DU  B C2    1 
ATOM   174 O  O2    . DU  B 1 3 ? -1.440  -0.476  -0.753  1.00 9.32  ? 9  DU  B O2    1 
ATOM   175 N  N3    . DU  B 1 3 ? -1.323  -2.180  0.689   1.00 7.97  ? 9  DU  B N3    1 
ATOM   176 C  C4    . DU  B 1 3 ? -1.591  -2.756  1.855   1.00 6.96  ? 9  DU  B C4    1 
ATOM   177 O  O4    . DU  B 1 3 ? -1.195  -3.915  1.948   1.00 6.25  ? 9  DU  B O4    1 
ATOM   178 C  C5    . DU  B 1 3 ? -2.315  -1.983  2.811   1.00 5.90  ? 9  DU  B C5    1 
ATOM   179 C  C6    . DU  B 1 3 ? -2.681  -0.751  2.538   1.00 7.87  ? 9  DU  B C6    1 
ATOM   180 P  P     . DA  B 1 4 ? -4.566  4.860   -0.864  1.00 9.26  ? 10 DA  B P     1 
ATOM   181 O  OP1   . DA  B 1 4 ? -6.030  4.846   -0.863  1.00 7.26  ? 10 DA  B OP1   1 
ATOM   182 O  OP2   . DA  B 1 4 ? -3.766  5.326   -1.877  1.00 8.98  ? 10 DA  B OP2   1 
ATOM   183 O  "O5'" . DA  B 1 4 ? -4.030  5.875   0.364   1.00 7.28  ? 10 DA  B "O5'" 1 
ATOM   184 C  "C5'" . DA  B 1 4 ? -2.709  6.463   0.470   1.00 8.46  ? 10 DA  B "C5'" 1 
ATOM   185 C  "C4'" . DA  B 1 4 ? -2.726  7.148   1.724   1.00 8.61  ? 10 DA  B "C4'" 1 
ATOM   186 O  "O4'" . DA  B 1 4 ? -3.235  6.332   2.825   1.00 10.40 ? 10 DA  B "O4'" 1 
ATOM   187 C  "C3'" . DA  B 1 4 ? -1.362  7.467   2.230   1.00 9.19  ? 10 DA  B "C3'" 1 
ATOM   188 O  "O3'" . DA  B 1 4 ? -1.222  8.846   2.091   1.00 11.28 ? 10 DA  B "O3'" 1 
ATOM   189 C  "C2'" . DA  B 1 4 ? -1.184  7.012   3.627   1.00 9.90  ? 10 DA  B "C2'" 1 
ATOM   190 C  "C1'" . DA  B 1 4 ? -2.527  6.288   4.036   1.00 7.96  ? 10 DA  B "C1'" 1 
ATOM   191 N  N9    . DA  B 1 4 ? -2.202  5.020   4.469   1.00 7.23  ? 10 DA  B N9    1 
ATOM   192 C  C8    . DA  B 1 4 ? -2.791  4.523   5.607   1.00 6.42  ? 10 DA  B C8    1 
ATOM   193 N  N7    . DA  B 1 4 ? -2.423  3.258   5.872   1.00 6.99  ? 10 DA  B N7    1 
ATOM   194 C  C5    . DA  B 1 4 ? -1.467  2.986   4.895   1.00 6.86  ? 10 DA  B C5    1 
ATOM   195 C  C6    . DA  B 1 4 ? -0.782  1.774   4.567   1.00 6.70  ? 10 DA  B C6    1 
ATOM   196 N  N6    . DA  B 1 4 ? -0.895  0.696   5.428   1.00 9.22  ? 10 DA  B N6    1 
ATOM   197 N  N1    . DA  B 1 4 ? 0.073   1.801   3.511   1.00 7.25  ? 10 DA  B N1    1 
ATOM   198 C  C2    . DA  B 1 4 ? 0.208   2.891   2.760   1.00 5.68  ? 10 DA  B C2    1 
ATOM   199 N  N3    . DA  B 1 4 ? -0.461  4.093   2.950   1.00 5.32  ? 10 DA  B N3    1 
ATOM   200 C  C4    . DA  B 1 4 ? -1.287  4.059   3.993   1.00 7.64  ? 10 DA  B C4    1 
HETATM 201 N  N1    . 5CM B 1 5 ? 2.980   5.670   3.474   1.00 7.33  ? 11 5CM B N1    1 
HETATM 202 C  C2    . 5CM B 1 5 ? 3.237   4.302   3.481   1.00 5.21  ? 11 5CM B C2    1 
HETATM 203 N  N3    . 5CM B 1 5 ? 2.802   3.710   4.653   1.00 6.44  ? 11 5CM B N3    1 
HETATM 204 C  C4    . 5CM B 1 5 ? 2.079   4.297   5.680   1.00 5.40  ? 11 5CM B C4    1 
HETATM 205 C  C5    . 5CM B 1 5 ? 1.739   5.665   5.443   1.00 5.57  ? 11 5CM B C5    1 
HETATM 206 C  C5A   . 5CM B 1 5 ? 0.860   6.425   6.354   1.00 3.43  ? 11 5CM B C5A   1 
HETATM 207 C  C6    . 5CM B 1 5 ? 2.226   6.335   4.426   1.00 5.79  ? 11 5CM B C6    1 
HETATM 208 O  O2    . 5CM B 1 5 ? 4.038   3.714   2.787   1.00 4.89  ? 11 5CM B O2    1 
HETATM 209 N  N4    . 5CM B 1 5 ? 1.664   3.480   6.693   1.00 5.52  ? 11 5CM B N4    1 
HETATM 210 C  "C1'" . 5CM B 1 5 ? 3.500   6.268   2.242   1.00 6.13  ? 11 5CM B "C1'" 1 
HETATM 211 C  "C2'" . 5CM B 1 5 ? 2.484   6.132   1.005   1.00 8.53  ? 11 5CM B "C2'" 1 
HETATM 212 C  "C3'" . 5CM B 1 5 ? 2.968   7.217   0.126   1.00 10.22 ? 11 5CM B "C3'" 1 
HETATM 213 C  "C4'" . 5CM B 1 5 ? 3.427   8.312   1.103   1.00 9.59  ? 11 5CM B "C4'" 1 
HETATM 214 O  "O4'" . 5CM B 1 5 ? 3.497   7.596   2.391   1.00 9.90  ? 11 5CM B "O4'" 1 
HETATM 215 O  "O3'" . 5CM B 1 5 ? 4.083   6.823   -0.645  1.00 11.83 ? 11 5CM B "O3'" 1 
HETATM 216 C  "C5'" . 5CM B 1 5 ? 2.440   9.384   1.329   1.00 12.02 ? 11 5CM B "C5'" 1 
HETATM 217 O  "O5'" . 5CM B 1 5 ? 1.226   9.074   1.764   1.00 11.79 ? 11 5CM B "O5'" 1 
HETATM 218 P  P     . 5CM B 1 5 ? -0.115  9.666   1.228   1.00 12.65 ? 11 5CM B P     1 
HETATM 219 O  OP1   . 5CM B 1 5 ? -0.239  11.183  1.552   1.00 12.87 ? 11 5CM B OP1   1 
HETATM 220 O  OP2   . 5CM B 1 5 ? -0.455  9.227   -0.151  1.00 12.98 ? 11 5CM B OP2   1 
ATOM   221 P  P     . DG  B 1 6 ? 4.285   7.521   -2.075  1.00 14.94 ? 12 DG  B P     1 
ATOM   222 O  OP1   . DG  B 1 6 ? 3.044   7.658   -2.775  1.00 13.60 ? 12 DG  B OP1   1 
ATOM   223 O  OP2   . DG  B 1 6 ? 5.405   6.735   -2.608  1.00 16.41 ? 12 DG  B OP2   1 
ATOM   224 O  "O5'" . DG  B 1 6 ? 5.330   8.812   -1.855  1.00 12.59 ? 12 DG  B "O5'" 1 
ATOM   225 C  "C5'" . DG  B 1 6 ? 4.892   10.092  -2.017  1.00 12.65 ? 12 DG  B "C5'" 1 
ATOM   226 C  "C4'" . DG  B 1 6 ? 5.718   11.137  -1.252  1.00 11.16 ? 12 DG  B "C4'" 1 
ATOM   227 O  "O4'" . DG  B 1 6 ? 5.059   11.121  -0.080  1.00 9.08  ? 12 DG  B "O4'" 1 
ATOM   228 C  "C3'" . DG  B 1 6 ? 7.077   10.843  -0.634  1.00 11.33 ? 12 DG  B "C3'" 1 
ATOM   229 O  "O3'" . DG  B 1 6 ? 7.797   11.635  -1.407  1.00 15.39 ? 12 DG  B "O3'" 1 
ATOM   230 C  "C2'" . DG  B 1 6 ? 7.280   11.537  0.640   1.00 8.75  ? 12 DG  B "C2'" 1 
ATOM   231 C  "C1'" . DG  B 1 6 ? 5.810   11.855  0.909   1.00 8.80  ? 12 DG  B "C1'" 1 
ATOM   232 N  N9    . DG  B 1 6 ? 5.328   11.514  2.174   1.00 7.28  ? 12 DG  B N9    1 
ATOM   233 C  C8    . DG  B 1 6 ? 4.553   12.256  2.954   1.00 7.76  ? 12 DG  B C8    1 
ATOM   234 N  N7    . DG  B 1 6 ? 4.239   11.581  4.087   1.00 8.34  ? 12 DG  B N7    1 
ATOM   235 C  C5    . DG  B 1 6 ? 4.850   10.347  3.966   1.00 8.08  ? 12 DG  B C5    1 
ATOM   236 C  C6    . DG  B 1 6 ? 4.937   9.265   4.915   1.00 8.79  ? 12 DG  B C6    1 
ATOM   237 O  O6    . DG  B 1 6 ? 4.296   9.300   6.029   1.00 7.44  ? 12 DG  B O6    1 
ATOM   238 N  N1    . DG  B 1 6 ? 5.718   8.169   4.561   1.00 5.88  ? 12 DG  B N1    1 
ATOM   239 C  C2    . DG  B 1 6 ? 6.266   8.302   3.379   1.00 6.12  ? 12 DG  B C2    1 
ATOM   240 N  N2    . DG  B 1 6 ? 6.975   7.341   2.893   1.00 8.54  ? 12 DG  B N2    1 
ATOM   241 N  N3    . DG  B 1 6 ? 6.361   9.230   2.477   1.00 7.97  ? 12 DG  B N3    1 
ATOM   242 C  C4    . DG  B 1 6 ? 5.601   10.279  2.822   1.00 7.48  ? 12 DG  B C4    1 
HETATM 243 MG MG    . MG  C 2 . ? -9.125  2.499   0.973   1.00 14.93 ? 13 MG  B MG    1 
HETATM 244 MG MG    . MG  D 2 . ? -1.150  -5.153  6.189   1.00 24.79 ? 14 MG  B MG    1 
HETATM 245 O  O     . HOH E 3 . ? 6.352   -8.556  2.041   1.00 25.97 ? 16 HOH A O     1 
HETATM 246 O  O     . HOH E 3 . ? 7.156   0.264   1.110   1.00 27.73 ? 17 HOH A O     1 
HETATM 247 O  O     . HOH E 3 . ? -6.672  0.315   -6.392  1.00 15.99 ? 18 HOH A O     1 
HETATM 248 O  O     . HOH E 3 . ? -1.145  -9.791  -1.981  1.00 14.11 ? 19 HOH A O     1 
HETATM 249 O  O     . HOH E 3 . ? 5.514   -5.551  1.350   1.00 13.61 ? 20 HOH A O     1 
HETATM 250 O  O     . HOH E 3 . ? 7.734   -7.457  -2.033  1.00 38.17 ? 21 HOH A O     1 
HETATM 251 O  O     . HOH E 3 . ? 2.758   -1.005  -13.138 1.00 27.34 ? 24 HOH A O     1 
HETATM 252 O  O     . HOH E 3 . ? 6.867   -5.179  -4.525  1.00 12.29 ? 26 HOH A O     1 
HETATM 253 O  O     . HOH E 3 . ? 5.070   0.414   10.839  1.00 17.80 ? 27 HOH A O     1 
HETATM 254 O  O     . HOH E 3 . ? 2.021   7.709   9.774   1.00 8.38  ? 29 HOH A O     1 
HETATM 255 O  O     . HOH E 3 . ? 10.182  0.193   9.468   1.00 16.24 ? 33 HOH A O     1 
HETATM 256 O  O     . HOH E 3 . ? 1.146   -0.528  -4.460  1.00 36.02 ? 34 HOH A O     1 
HETATM 257 O  O     . HOH E 3 . ? 4.909   -0.441  -9.384  1.00 17.20 ? 36 HOH A O     1 
HETATM 258 O  O     . HOH E 3 . ? 2.542   0.300   9.734   1.00 21.06 ? 37 HOH A O     1 
HETATM 259 O  O     . HOH E 3 . ? 1.635   1.807   -7.169  1.00 25.25 ? 38 HOH A O     1 
HETATM 260 O  O     . HOH E 3 . ? 0.442   -9.209  -1.951  1.00 19.54 ? 39 HOH A O     1 
HETATM 261 O  O     . HOH E 3 . ? -2.340  -10.767 -0.165  1.00 22.20 ? 40 HOH A O     1 
HETATM 262 O  O     . HOH E 3 . ? 2.664   -6.881  1.922   1.00 25.22 ? 41 HOH A O     1 
HETATM 263 O  O     . HOH E 3 . ? -6.062  -0.693  -3.469  1.00 16.73 ? 44 HOH A O     1 
HETATM 264 O  O     . HOH E 3 . ? -8.173  5.726   -9.287  1.00 19.23 ? 46 HOH A O     1 
HETATM 265 O  O     . HOH E 3 . ? 11.086  -1.049  0.562   1.00 20.45 ? 48 HOH A O     1 
HETATM 266 O  O     . HOH E 3 . ? -6.131  3.417   -4.855  1.00 23.55 ? 49 HOH A O     1 
HETATM 267 O  O     . HOH E 3 . ? 8.874   2.064   -3.671  1.00 20.01 ? 51 HOH A O     1 
HETATM 268 O  O     . HOH E 3 . ? -3.017  -8.772  -8.937  1.00 20.96 ? 52 HOH A O     1 
HETATM 269 O  O     . HOH E 3 . ? 10.130  0.487   -1.218  1.00 22.10 ? 53 HOH A O     1 
HETATM 270 O  O     . HOH E 3 . ? 0.128   4.443   -7.462  1.00 27.99 ? 54 HOH A O     1 
HETATM 271 O  O     . HOH E 3 . ? 7.685   0.842   -1.018  1.00 14.01 ? 55 HOH A O     1 
HETATM 272 O  O     . HOH E 3 . ? 2.195   2.916   -0.639  1.00 28.94 ? 58 HOH A O     1 
HETATM 273 O  O     . HOH E 3 . ? 8.636   4.837   -4.064  1.00 22.28 ? 63 HOH A O     1 
HETATM 274 O  O     . HOH E 3 . ? -1.050  -5.152  8.310   1.00 27.96 ? 69 HOH A O     1 
HETATM 275 O  O     . HOH E 3 . ? -1.976  -3.252  6.071   1.00 26.83 ? 71 HOH A O     1 
HETATM 276 O  O     . HOH E 3 . ? -0.424  -7.067  6.301   1.00 24.44 ? 72 HOH A O     1 
HETATM 277 O  O     . HOH E 3 . ? -3.243  -5.740  6.443   1.00 25.97 ? 73 HOH A O     1 
HETATM 278 O  O     . HOH E 3 . ? 0.657   -4.137  6.019   1.00 25.49 ? 74 HOH A O     1 
HETATM 279 O  O     . HOH F 3 . ? -9.245  -10.244 2.823   1.00 22.59 ? 15 HOH B O     1 
HETATM 280 O  O     . HOH F 3 . ? -1.950  1.110   7.647   1.00 23.48 ? 22 HOH B O     1 
HETATM 281 O  O     . HOH F 3 . ? -2.857  0.478   -3.106  1.00 29.15 ? 23 HOH B O     1 
HETATM 282 O  O     . HOH F 3 . ? -0.206  3.921   -1.876  1.00 36.42 ? 25 HOH B O     1 
HETATM 283 O  O     . HOH F 3 . ? -7.545  -0.695  -1.259  1.00 17.52 ? 28 HOH B O     1 
HETATM 284 O  O     . HOH F 3 . ? -7.872  -8.243  2.557   1.00 26.36 ? 30 HOH B O     1 
HETATM 285 O  O     . HOH F 3 . ? -3.165  -8.746  4.104   1.00 10.77 ? 31 HOH B O     1 
HETATM 286 O  O     . HOH F 3 . ? -3.624  3.959   -4.385  1.00 23.20 ? 32 HOH B O     1 
HETATM 287 O  O     . HOH F 3 . ? -2.004  7.386   -5.342  1.00 25.16 ? 35 HOH B O     1 
HETATM 288 O  O     . HOH F 3 . ? 7.362   6.940   0.164   1.00 24.12 ? 42 HOH B O     1 
HETATM 289 O  O     . HOH F 3 . ? -0.116  3.516   8.952   1.00 5.39  ? 43 HOH B O     1 
HETATM 290 O  O     . HOH F 3 . ? -12.867 -0.351  2.069   1.00 39.38 ? 45 HOH B O     1 
HETATM 291 O  O     . HOH F 3 . ? 5.398   2.988   0.497   1.00 27.25 ? 47 HOH B O     1 
HETATM 292 O  O     . HOH F 3 . ? -2.946  -10.252 -6.027  1.00 19.55 ? 50 HOH B O     1 
HETATM 293 O  O     . HOH F 3 . ? 1.827   4.880   -3.068  1.00 31.14 ? 56 HOH B O     1 
HETATM 294 O  O     . HOH F 3 . ? 0.772   8.621   -3.041  1.00 20.02 ? 57 HOH B O     1 
HETATM 295 O  O     . HOH F 3 . ? -11.932 -10.657 1.846   1.00 29.08 ? 59 HOH B O     1 
HETATM 296 O  O     . HOH F 3 . ? 8.487   4.659   0.499   1.00 26.19 ? 60 HOH B O     1 
HETATM 297 O  O     . HOH F 3 . ? -0.043  -1.084  8.580   1.00 17.92 ? 61 HOH B O     1 
HETATM 298 O  O     . HOH F 3 . ? -7.125  -10.440 1.986   1.00 23.67 ? 62 HOH B O     1 
HETATM 299 O  O     . HOH F 3 . ? -8.170  1.936   -0.753  1.00 15.58 ? 64 HOH B O     1 
HETATM 300 O  O     . HOH F 3 . ? -9.948  3.291   2.723   1.00 11.99 ? 65 HOH B O     1 
HETATM 301 O  O     . HOH F 3 . ? -7.845  4.334   1.076   1.00 13.03 ? 66 HOH B O     1 
HETATM 302 O  O     . HOH F 3 . ? -10.675 1.211   1.164   1.00 13.31 ? 67 HOH B O     1 
HETATM 303 O  O     . HOH F 3 . ? -10.606 3.774   0.008   1.00 15.91 ? 68 HOH B O     1 
HETATM 304 O  O     . HOH F 3 . ? -1.309  -5.334  4.031   1.00 25.14 ? 70 HOH B O     1 
# 
